data_4R8W
#
_entry.id   4R8W
#
_cell.length_a   126.856
_cell.length_b   126.856
_cell.length_c   409.596
_cell.angle_alpha   90.00
_cell.angle_beta   90.00
_cell.angle_gamma   120.00
#
_symmetry.space_group_name_H-M   'H 3 2'
#
loop_
_entity.id
_entity.type
_entity.pdbx_description
1 polymer Hemagglutinin
2 polymer Hemagglutinin
3 polymer 'Heavy chain of neutralizing antibody CT149'
4 polymer 'Light chain of neutralizing antibody CT149'
5 non-polymer 2-acetamido-2-deoxy-beta-D-glucopyranose
6 water water
#
loop_
_entity_poly.entity_id
_entity_poly.type
_entity_poly.pdbx_seq_one_letter_code
_entity_poly.pdbx_strand_id
1 'polypeptide(L)'
;DKICLGHHAVSNGTKVNTLTERGVEVVNATETVERTNIPRICSKGKRTVDLGQCGLLGTITGPPQCDQFLEFSADLIIER
REGSDVCYPGKFVNEEALRQILRESGGIDKEAMGFTYSGIRTNGATSACRRSGSSFYAEMKWLLSNTDNAAFPQMTKSYK
NTRKSPALIVWGIHHSVSTAEQTKLYGSGNKLVTVGSSNYQQSFVPSPGARPQVNGLSGRIDFHWLMLNPNDTVTFSFNG
AFIAPDRASFLRGKSMGIQSGVQVDANCEGDCYHSGGTIISNLPFQNIDSRAVGKCPRYVKQRSLLLATGMKNVPEIPKG
R
;
A
2 'polypeptide(L)'
;GLFGAIAGFIENGWEGLIDGWYGFRHQNAQGEGTAADYKSTQSAIDQITGKLNRLIEKTNQQFELIDNEFNEVEKQIGNV
INWTRDSITEVWSYNAELLVAMENQHTIDLADSEMDKLYERVKRQLRENAEEDGTGCFEIFHKCDDDCMASIRNNTYDHS
KYREEAMQNRIQIDPVK
;
B
3 'polypeptide(L)'
;QVQLVQSGAEVKKPGASVKVSCKTSGYSFSTYGVSWVRQAPGQGPEWVGWISAYTGITDYAQKFQGRVTLTTDATTATAF
LDLRSLRPDDTATYFCARDKVQGRVEVGSGGRHDYWGQGTLVIVSSASTKGPSVFPLAPSSKSTSGGTAALGCLVKDYFP
EPVTVSWNSGALTSGVHTFPAVLQSSGLYSLSSVVTVPSSSLGTQTYICNVNHKPSNTKVDKKVEPKSCDK
;
H
4 'polypeptide(L)'
;EVVLTQSPGTLALPPGERATLSCRASHRVGSTYIAWYQQKSGQAPRRLIYGASNRATDIPDRFSGSGSGTDFTLTIRRLE
PEDSAVYYCQQFSVSPWTFGQGTRVEIKRTVAAPSVFIFPPSDEQLKSGTASVVCLLNNFYPREAKVQWKVDNALQSGNS
QESVTEQDSKDSTYSLSSTLTLSKADYEKHKVYACEVTHQGLSSPVTKSFNRGECS
;
L
#
# COMPACT_ATOMS: atom_id res chain seq x y z
N ASP A 1 -36.66 -43.52 -3.24
CA ASP A 1 -36.58 -42.06 -3.23
C ASP A 1 -35.63 -41.55 -2.14
N LYS A 2 -34.49 -41.02 -2.57
CA LYS A 2 -33.49 -40.51 -1.63
C LYS A 2 -32.96 -39.15 -2.05
N ILE A 3 -32.38 -38.43 -1.09
CA ILE A 3 -31.72 -37.17 -1.38
C ILE A 3 -30.28 -37.22 -0.86
N CYS A 4 -29.33 -36.92 -1.74
CA CYS A 4 -27.92 -36.93 -1.39
C CYS A 4 -27.39 -35.51 -1.33
N LEU A 5 -26.24 -35.34 -0.69
CA LEU A 5 -25.57 -34.05 -0.73
C LEU A 5 -24.08 -34.22 -0.86
N GLY A 6 -23.43 -33.19 -1.39
CA GLY A 6 -22.00 -33.24 -1.63
C GLY A 6 -21.45 -31.86 -1.96
N HIS A 7 -20.27 -31.84 -2.55
CA HIS A 7 -19.55 -30.60 -2.78
C HIS A 7 -19.04 -30.52 -4.20
N HIS A 8 -18.65 -29.32 -4.62
CA HIS A 8 -18.16 -29.13 -5.97
C HIS A 8 -16.74 -29.66 -6.10
N ALA A 9 -16.33 -30.00 -7.32
CA ALA A 9 -14.98 -30.47 -7.58
C ALA A 9 -14.53 -30.06 -8.97
N VAL A 10 -13.22 -30.05 -9.19
CA VAL A 10 -12.67 -29.80 -10.52
C VAL A 10 -11.73 -30.92 -10.91
N SER A 11 -11.60 -31.17 -12.22
CA SER A 11 -10.73 -32.23 -12.70
C SER A 11 -9.26 -31.88 -12.48
N ASN A 12 -8.95 -30.59 -12.55
CA ASN A 12 -7.59 -30.10 -12.39
C ASN A 12 -7.44 -29.15 -11.21
N GLY A 13 -6.95 -29.67 -10.09
CA GLY A 13 -6.78 -28.87 -8.88
C GLY A 13 -5.37 -28.35 -8.68
N THR A 14 -5.20 -27.55 -7.62
CA THR A 14 -3.89 -26.98 -7.29
C THR A 14 -3.36 -27.61 -6.01
N LYS A 15 -2.08 -27.97 -6.00
CA LYS A 15 -1.48 -28.59 -4.83
C LYS A 15 -0.92 -27.56 -3.86
N VAL A 16 -1.17 -27.74 -2.57
CA VAL A 16 -0.63 -26.87 -1.55
C VAL A 16 -0.08 -27.69 -0.39
N ASN A 17 0.68 -27.04 0.48
CA ASN A 17 1.23 -27.69 1.67
C ASN A 17 0.42 -27.37 2.92
N THR A 18 0.27 -28.35 3.79
CA THR A 18 -0.37 -28.14 5.08
C THR A 18 0.60 -28.48 6.21
N LEU A 19 0.14 -28.28 7.44
CA LEU A 19 0.94 -28.60 8.62
C LEU A 19 1.36 -30.07 8.64
N THR A 20 0.45 -30.93 8.16
CA THR A 20 0.53 -32.35 8.41
C THR A 20 0.79 -33.14 7.14
N GLU A 21 0.57 -32.51 5.98
CA GLU A 21 0.76 -33.18 4.69
C GLU A 21 1.44 -32.27 3.67
N ARG A 22 1.84 -32.87 2.55
CA ARG A 22 2.46 -32.11 1.47
C ARG A 22 1.76 -32.38 0.14
N GLY A 23 1.62 -31.34 -0.66
CA GLY A 23 1.04 -31.48 -1.99
C GLY A 23 -0.40 -31.99 -2.00
N VAL A 24 -1.21 -31.53 -1.06
CA VAL A 24 -2.63 -31.90 -1.07
C VAL A 24 -3.34 -31.03 -2.12
N GLU A 25 -4.24 -31.65 -2.88
CA GLU A 25 -4.88 -30.98 -3.99
C GLU A 25 -6.15 -30.26 -3.55
N VAL A 26 -6.16 -28.94 -3.68
CA VAL A 26 -7.33 -28.15 -3.35
C VAL A 26 -7.96 -27.61 -4.63
N VAL A 27 -9.21 -27.17 -4.53
CA VAL A 27 -9.96 -26.72 -5.70
C VAL A 27 -9.24 -25.58 -6.41
N ASN A 28 -8.64 -24.69 -5.62
CA ASN A 28 -7.94 -23.54 -6.17
C ASN A 28 -7.08 -22.84 -5.11
N ALA A 29 -5.93 -22.32 -5.52
CA ALA A 29 -5.01 -21.65 -4.61
C ALA A 29 -4.39 -20.41 -5.22
N THR A 30 -3.83 -19.54 -4.39
CA THR A 30 -3.21 -18.31 -4.87
C THR A 30 -1.79 -18.13 -4.35
N GLU A 31 -0.96 -17.44 -5.12
CA GLU A 31 0.44 -17.23 -4.78
C GLU A 31 0.60 -16.13 -3.75
N THR A 32 1.51 -16.32 -2.80
CA THR A 32 1.72 -15.36 -1.73
C THR A 32 3.11 -14.72 -1.80
N VAL A 33 3.96 -15.25 -2.70
CA VAL A 33 5.32 -14.74 -2.85
C VAL A 33 5.51 -14.10 -4.22
N GLU A 34 5.89 -12.83 -4.23
CA GLU A 34 6.03 -12.09 -5.48
C GLU A 34 7.38 -12.33 -6.14
N ARG A 35 7.37 -12.85 -7.37
CA ARG A 35 8.60 -13.05 -8.13
C ARG A 35 8.69 -12.07 -9.29
N THR A 36 7.56 -11.49 -9.67
CA THR A 36 7.51 -10.57 -10.81
C THR A 36 8.01 -9.18 -10.46
N ASN A 37 9.12 -8.80 -11.06
CA ASN A 37 9.70 -7.49 -10.84
C ASN A 37 9.62 -6.63 -12.10
N ILE A 38 9.42 -5.33 -11.92
CA ILE A 38 9.46 -4.38 -13.03
C ILE A 38 10.88 -3.82 -13.15
N PRO A 39 11.59 -4.18 -14.22
CA PRO A 39 12.99 -3.77 -14.38
C PRO A 39 13.18 -2.26 -14.61
N ARG A 40 12.36 -1.44 -13.97
CA ARG A 40 12.48 0.01 -14.08
C ARG A 40 12.19 0.67 -12.72
N ILE A 41 12.70 1.87 -12.52
CA ILE A 41 12.43 2.62 -11.28
C ILE A 41 11.20 3.49 -11.44
N CYS A 42 10.07 3.00 -10.95
CA CYS A 42 8.80 3.70 -11.04
C CYS A 42 8.78 4.97 -10.18
N SER A 43 8.52 6.11 -10.81
CA SER A 43 8.71 7.39 -10.14
C SER A 43 7.50 8.34 -10.19
N LYS A 44 6.31 7.81 -10.49
CA LYS A 44 5.13 8.66 -10.59
C LYS A 44 4.67 9.12 -9.21
N GLY A 45 4.59 10.44 -9.04
CA GLY A 45 4.15 11.01 -7.79
C GLY A 45 5.29 11.37 -6.86
N LYS A 46 6.52 11.26 -7.38
CA LYS A 46 7.70 11.60 -6.61
C LYS A 46 8.64 12.46 -7.44
N ARG A 47 9.17 13.52 -6.83
CA ARG A 47 10.18 14.33 -7.50
C ARG A 47 11.47 13.54 -7.51
N THR A 48 11.85 13.02 -8.68
CA THR A 48 12.98 12.11 -8.79
C THR A 48 14.22 12.78 -9.36
N VAL A 49 15.33 12.59 -8.67
CA VAL A 49 16.62 13.10 -9.13
C VAL A 49 17.56 11.95 -9.45
N ASP A 50 17.77 11.71 -10.74
CA ASP A 50 18.78 10.75 -11.19
C ASP A 50 20.11 11.47 -11.28
N LEU A 51 20.99 11.20 -10.31
CA LEU A 51 22.25 11.93 -10.20
C LEU A 51 23.21 11.62 -11.34
N GLY A 52 22.96 10.50 -12.03
CA GLY A 52 23.77 10.09 -13.16
C GLY A 52 25.25 10.08 -12.86
N GLN A 53 25.98 11.02 -13.45
CA GLN A 53 27.43 11.07 -13.29
C GLN A 53 27.86 11.93 -12.12
N CYS A 54 26.89 12.39 -11.34
CA CYS A 54 27.20 13.16 -10.15
C CYS A 54 27.19 12.26 -8.92
N GLY A 55 28.26 12.33 -8.14
CA GLY A 55 28.31 11.64 -6.86
C GLY A 55 27.53 12.43 -5.84
N LEU A 56 26.71 11.73 -5.04
CA LEU A 56 25.83 12.36 -4.07
C LEU A 56 26.58 13.35 -3.15
N LEU A 57 27.82 13.01 -2.81
CA LEU A 57 28.63 13.92 -2.00
C LEU A 57 29.10 15.11 -2.82
N GLY A 58 29.15 14.94 -4.14
CA GLY A 58 29.55 16.01 -5.03
C GLY A 58 28.60 17.19 -4.96
N THR A 59 27.34 16.94 -4.63
CA THR A 59 26.35 18.01 -4.53
C THR A 59 26.70 18.97 -3.39
N ILE A 60 27.64 18.56 -2.56
CA ILE A 60 28.11 19.41 -1.47
C ILE A 60 29.32 20.22 -1.90
N THR A 61 30.32 19.55 -2.47
CA THR A 61 31.54 20.23 -2.89
C THR A 61 31.38 20.89 -4.26
N GLY A 62 30.60 20.27 -5.13
CA GLY A 62 30.31 20.84 -6.44
C GLY A 62 31.38 20.71 -7.52
N PRO A 63 31.77 19.48 -7.87
CA PRO A 63 32.60 19.29 -9.06
C PRO A 63 31.72 19.37 -10.31
N PRO A 64 32.31 19.65 -11.49
CA PRO A 64 31.60 19.91 -12.75
C PRO A 64 30.37 19.03 -13.04
N GLN A 65 30.45 17.72 -12.75
CA GLN A 65 29.33 16.82 -13.00
C GLN A 65 28.11 17.14 -12.13
N CYS A 66 28.34 17.90 -11.05
CA CYS A 66 27.30 18.15 -10.07
C CYS A 66 26.79 19.59 -10.09
N ASP A 67 27.11 20.34 -11.13
CA ASP A 67 26.72 21.75 -11.23
C ASP A 67 25.20 21.94 -11.28
N GLN A 68 24.52 20.95 -11.83
CA GLN A 68 23.06 21.02 -11.97
C GLN A 68 22.34 20.52 -10.72
N PHE A 69 23.10 20.20 -9.68
CA PHE A 69 22.52 19.57 -8.50
C PHE A 69 22.85 20.32 -7.20
N LEU A 70 23.62 21.40 -7.28
CA LEU A 70 24.10 22.12 -6.12
C LEU A 70 23.01 22.51 -5.11
N GLU A 71 21.78 22.64 -5.60
CA GLU A 71 20.64 22.98 -4.74
C GLU A 71 19.40 22.16 -5.09
N PHE A 72 19.57 20.85 -5.26
CA PHE A 72 18.48 20.01 -5.78
C PHE A 72 17.37 19.75 -4.75
N SER A 73 16.27 19.18 -5.24
CA SER A 73 15.14 18.78 -4.40
C SER A 73 14.58 17.47 -4.91
N ALA A 74 14.24 16.56 -3.99
CA ALA A 74 13.74 15.26 -4.39
C ALA A 74 12.99 14.55 -3.27
N ASP A 75 12.02 13.73 -3.66
CA ASP A 75 11.42 12.76 -2.76
C ASP A 75 12.19 11.46 -2.94
N LEU A 76 12.74 11.30 -4.13
CA LEU A 76 13.52 10.12 -4.49
C LEU A 76 14.85 10.51 -5.10
N ILE A 77 15.93 10.10 -4.46
CA ILE A 77 17.28 10.37 -4.94
C ILE A 77 17.95 9.10 -5.43
N ILE A 78 18.45 9.11 -6.67
CA ILE A 78 19.02 7.90 -7.24
C ILE A 78 20.50 8.05 -7.58
N GLU A 79 21.33 7.17 -7.02
CA GLU A 79 22.76 7.15 -7.31
C GLU A 79 23.05 6.18 -8.45
N ARG A 80 23.99 6.53 -9.31
CA ARG A 80 24.41 5.67 -10.41
C ARG A 80 25.86 5.27 -10.26
N ARG A 81 26.21 4.12 -10.83
CA ARG A 81 27.54 3.56 -10.67
C ARG A 81 28.63 4.45 -11.28
N GLU A 82 28.27 5.20 -12.31
CA GLU A 82 29.22 6.10 -12.96
C GLU A 82 29.44 7.37 -12.14
N GLY A 83 28.72 7.49 -11.03
CA GLY A 83 28.79 8.66 -10.18
C GLY A 83 30.17 8.92 -9.62
N SER A 84 30.47 10.17 -9.31
CA SER A 84 31.78 10.54 -8.77
C SER A 84 31.69 11.81 -7.92
N ASP A 85 32.09 11.70 -6.66
CA ASP A 85 32.03 12.82 -5.72
C ASP A 85 33.13 13.85 -5.99
N VAL A 86 34.04 13.51 -6.88
CA VAL A 86 35.31 14.20 -6.95
C VAL A 86 35.74 14.54 -8.38
N CYS A 87 36.36 15.71 -8.54
CA CYS A 87 37.03 16.07 -9.79
C CYS A 87 38.53 16.05 -9.57
N TYR A 88 39.01 16.88 -8.65
CA TYR A 88 40.37 16.76 -8.14
C TYR A 88 40.42 15.55 -7.22
N PRO A 89 41.38 14.63 -7.46
CA PRO A 89 41.45 13.36 -6.74
C PRO A 89 41.49 13.53 -5.22
N GLY A 90 40.61 12.82 -4.52
CA GLY A 90 40.50 12.89 -3.08
C GLY A 90 39.33 12.06 -2.57
N LYS A 91 39.10 12.09 -1.26
CA LYS A 91 37.98 11.36 -0.69
C LYS A 91 37.43 12.00 0.59
N PHE A 92 36.25 11.55 1.01
CA PHE A 92 35.59 12.10 2.19
C PHE A 92 35.85 11.25 3.42
N VAL A 93 36.14 11.91 4.54
CA VAL A 93 36.16 11.25 5.83
C VAL A 93 34.73 10.97 6.26
N ASN A 94 34.47 9.74 6.68
CA ASN A 94 33.12 9.29 7.05
C ASN A 94 32.14 9.50 5.91
N GLU A 95 32.50 9.01 4.73
CA GLU A 95 31.72 9.23 3.52
C GLU A 95 30.34 8.57 3.55
N GLU A 96 30.24 7.42 4.21
CA GLU A 96 28.98 6.67 4.22
C GLU A 96 27.98 7.30 5.17
N ALA A 97 28.46 7.93 6.22
CA ALA A 97 27.59 8.67 7.13
C ALA A 97 26.93 9.82 6.39
N LEU A 98 27.73 10.54 5.60
CA LEU A 98 27.24 11.70 4.86
C LEU A 98 26.27 11.31 3.75
N ARG A 99 26.54 10.20 3.07
CA ARG A 99 25.64 9.73 2.02
C ARG A 99 24.26 9.42 2.56
N GLN A 100 24.20 8.87 3.77
CA GLN A 100 22.94 8.48 4.38
C GLN A 100 22.16 9.72 4.84
N ILE A 101 22.88 10.75 5.25
CA ILE A 101 22.24 12.03 5.58
C ILE A 101 21.62 12.65 4.33
N LEU A 102 22.42 12.79 3.28
CA LEU A 102 21.95 13.36 2.02
C LEU A 102 20.85 12.52 1.37
N ARG A 103 20.90 11.20 1.56
CA ARG A 103 19.89 10.31 1.02
C ARG A 103 18.50 10.61 1.56
N GLU A 104 18.43 10.91 2.86
CA GLU A 104 17.15 11.23 3.52
C GLU A 104 17.05 12.73 3.82
N SER A 105 17.52 13.56 2.89
CA SER A 105 17.55 15.00 3.10
C SER A 105 16.42 15.72 2.38
N GLY A 106 15.90 15.12 1.32
CA GLY A 106 14.86 15.76 0.51
C GLY A 106 15.47 16.71 -0.50
N GLY A 107 16.78 16.90 -0.40
CA GLY A 107 17.49 17.86 -1.21
C GLY A 107 18.24 18.83 -0.32
N ILE A 108 19.01 19.72 -0.94
CA ILE A 108 19.82 20.67 -0.19
C ILE A 108 19.61 22.10 -0.68
N ASP A 109 19.71 23.06 0.23
CA ASP A 109 19.69 24.47 -0.13
C ASP A 109 20.91 25.16 0.44
N LYS A 110 21.77 25.66 -0.44
CA LYS A 110 23.01 26.29 -0.01
C LYS A 110 22.78 27.69 0.54
N GLU A 111 23.82 28.24 1.15
CA GLU A 111 23.81 29.59 1.68
C GLU A 111 25.24 30.10 1.75
N ALA A 112 25.48 31.30 1.22
CA ALA A 112 26.81 31.90 1.26
C ALA A 112 27.23 32.12 2.72
N MET A 113 28.44 31.69 3.06
CA MET A 113 28.93 31.82 4.42
C MET A 113 29.60 33.18 4.64
N GLY A 114 29.98 33.81 3.54
CA GLY A 114 30.59 35.13 3.60
C GLY A 114 32.00 35.08 4.14
N PHE A 115 32.95 34.70 3.29
CA PHE A 115 34.35 34.64 3.69
C PHE A 115 35.23 35.53 2.81
N THR A 116 35.60 36.69 3.33
CA THR A 116 36.51 37.59 2.64
C THR A 116 37.93 37.41 3.19
N TYR A 117 38.92 37.57 2.33
CA TYR A 117 40.29 37.31 2.71
C TYR A 117 41.20 38.52 2.47
N SER A 118 42.42 38.44 3.00
CA SER A 118 43.38 39.52 2.87
C SER A 118 44.81 39.04 3.07
N GLY A 119 45.64 39.18 2.05
CA GLY A 119 47.04 38.81 2.15
C GLY A 119 47.36 37.47 1.52
N ILE A 120 46.40 36.94 0.75
CA ILE A 120 46.58 35.67 0.05
C ILE A 120 45.93 35.71 -1.32
N ARG A 121 45.90 34.56 -1.98
CA ARG A 121 45.13 34.38 -3.21
C ARG A 121 43.84 33.65 -2.84
N THR A 122 43.03 33.32 -3.85
CA THR A 122 41.73 32.69 -3.59
C THR A 122 41.12 32.01 -4.81
N ASN A 123 41.93 31.72 -5.82
CA ASN A 123 41.39 31.17 -7.06
C ASN A 123 42.23 30.03 -7.67
N GLY A 124 42.62 29.07 -6.84
CA GLY A 124 43.34 27.91 -7.33
C GLY A 124 42.46 27.09 -8.27
N ALA A 125 43.09 26.38 -9.20
CA ALA A 125 42.34 25.58 -10.17
C ALA A 125 43.14 24.37 -10.66
N THR A 126 42.53 23.57 -11.52
CA THR A 126 43.15 22.36 -12.06
C THR A 126 42.42 21.86 -13.31
N SER A 127 43.16 21.17 -14.19
CA SER A 127 42.58 20.63 -15.41
C SER A 127 41.60 19.50 -15.10
N ALA A 128 41.72 18.94 -13.88
CA ALA A 128 40.84 17.88 -13.44
C ALA A 128 39.39 18.37 -13.35
N CYS A 129 39.22 19.58 -12.83
CA CYS A 129 37.90 20.21 -12.81
C CYS A 129 37.75 21.12 -14.04
N ARG A 130 37.16 20.58 -15.10
CA ARG A 130 37.06 21.32 -16.34
C ARG A 130 35.68 21.97 -16.52
N ARG A 131 35.69 23.26 -16.83
CA ARG A 131 34.48 23.98 -17.22
C ARG A 131 34.79 24.83 -18.45
N SER A 132 35.23 26.05 -18.21
CA SER A 132 35.86 26.84 -19.25
C SER A 132 37.16 26.14 -19.63
N GLY A 133 38.18 26.36 -18.81
CA GLY A 133 39.40 25.59 -18.88
C GLY A 133 39.58 24.90 -17.55
N SER A 134 40.68 25.21 -16.86
CA SER A 134 40.90 24.69 -15.52
C SER A 134 39.98 25.40 -14.53
N SER A 135 39.25 24.62 -13.73
CA SER A 135 38.38 25.17 -12.69
C SER A 135 38.58 24.44 -11.37
N PHE A 136 37.56 24.46 -10.53
CA PHE A 136 37.65 23.85 -9.21
C PHE A 136 36.27 23.40 -8.73
N TYR A 137 36.11 23.26 -7.42
CA TYR A 137 34.83 22.93 -6.83
C TYR A 137 33.99 24.19 -6.71
N ALA A 138 32.76 24.14 -7.21
CA ALA A 138 31.88 25.30 -7.24
C ALA A 138 31.67 25.91 -5.86
N GLU A 139 31.53 25.04 -4.86
CA GLU A 139 31.22 25.48 -3.51
C GLU A 139 32.46 25.68 -2.65
N MET A 140 33.63 25.38 -3.22
CA MET A 140 34.86 25.46 -2.45
C MET A 140 35.83 26.49 -3.02
N LYS A 141 36.79 26.91 -2.19
CA LYS A 141 37.80 27.87 -2.61
C LYS A 141 39.21 27.39 -2.27
N TRP A 142 40.07 27.29 -3.27
CA TRP A 142 41.45 26.88 -3.08
C TRP A 142 42.33 28.05 -2.64
N LEU A 143 42.56 28.17 -1.34
CA LEU A 143 43.33 29.28 -0.80
C LEU A 143 44.84 29.04 -0.92
N LEU A 144 45.50 29.92 -1.64
CA LEU A 144 46.94 29.84 -1.85
C LEU A 144 47.65 30.95 -1.08
N SER A 145 48.95 31.11 -1.34
CA SER A 145 49.67 32.29 -0.89
C SER A 145 49.79 33.25 -2.07
N ASN A 146 50.28 34.47 -1.80
CA ASN A 146 50.36 35.52 -2.82
C ASN A 146 51.17 35.12 -4.05
N THR A 147 52.49 35.11 -3.90
CA THR A 147 53.39 34.76 -5.01
C THR A 147 53.58 33.25 -5.10
N ASP A 148 54.57 32.82 -5.89
CA ASP A 148 54.84 31.40 -6.07
C ASP A 148 55.63 30.82 -4.91
N ASN A 149 55.65 31.55 -3.80
CA ASN A 149 56.20 31.07 -2.54
C ASN A 149 55.72 31.93 -1.37
N ALA A 150 56.60 32.17 -0.41
CA ALA A 150 56.32 33.00 0.76
C ALA A 150 55.22 32.42 1.65
N ALA A 151 54.98 33.06 2.78
CA ALA A 151 54.18 32.47 3.86
C ALA A 151 52.67 32.69 3.74
N PHE A 152 51.93 31.86 4.47
CA PHE A 152 50.49 31.96 4.59
C PHE A 152 50.16 32.33 6.03
N PRO A 153 49.83 33.61 6.28
CA PRO A 153 49.61 34.10 7.64
C PRO A 153 48.48 33.37 8.35
N GLN A 154 48.75 32.86 9.54
CA GLN A 154 47.76 32.12 10.33
C GLN A 154 46.45 32.90 10.45
N MET A 155 45.44 32.44 9.71
CA MET A 155 44.15 33.09 9.69
C MET A 155 43.14 32.34 10.55
N THR A 156 42.07 33.05 10.91
CA THR A 156 41.00 32.45 11.69
C THR A 156 39.66 32.99 11.21
N LYS A 157 38.82 32.11 10.68
CA LYS A 157 37.53 32.52 10.11
C LYS A 157 36.36 31.84 10.81
N SER A 158 35.32 32.60 11.08
CA SER A 158 34.15 32.08 11.80
C SER A 158 32.89 32.15 10.97
N TYR A 159 31.90 31.36 11.37
CA TYR A 159 30.59 31.35 10.72
C TYR A 159 29.53 30.83 11.68
N LYS A 160 28.47 31.61 11.87
CA LYS A 160 27.37 31.21 12.73
C LYS A 160 26.21 30.65 11.91
N ASN A 161 25.57 29.60 12.42
CA ASN A 161 24.37 29.05 11.80
C ASN A 161 23.12 29.71 12.36
N THR A 162 22.64 30.74 11.67
CA THR A 162 21.54 31.55 12.17
C THR A 162 20.18 31.01 11.74
N ARG A 163 20.14 29.75 11.31
CA ARG A 163 18.91 29.18 10.80
C ARG A 163 18.35 28.10 11.73
N LYS A 164 17.08 27.77 11.54
CA LYS A 164 16.34 26.90 12.46
C LYS A 164 16.82 25.45 12.44
N SER A 165 17.51 25.06 11.38
CA SER A 165 17.98 23.68 11.23
C SER A 165 19.51 23.62 11.19
N PRO A 166 20.10 22.44 11.43
CA PRO A 166 21.55 22.29 11.41
C PRO A 166 22.17 22.53 10.02
N ALA A 167 23.36 23.13 10.01
CA ALA A 167 24.07 23.46 8.77
C ALA A 167 25.19 22.47 8.46
N LEU A 168 25.15 21.89 7.27
CA LEU A 168 26.22 21.01 6.83
C LEU A 168 27.43 21.83 6.40
N ILE A 169 28.51 21.73 7.18
CA ILE A 169 29.74 22.43 6.87
C ILE A 169 30.78 21.45 6.36
N VAL A 170 31.48 21.83 5.30
CA VAL A 170 32.49 20.97 4.70
C VAL A 170 33.74 21.78 4.37
N TRP A 171 34.91 21.19 4.61
CA TRP A 171 36.17 21.82 4.25
C TRP A 171 37.13 20.78 3.68
N GLY A 172 38.28 21.24 3.19
CA GLY A 172 39.24 20.35 2.59
C GLY A 172 40.67 20.59 3.03
N ILE A 173 41.43 19.51 3.18
CA ILE A 173 42.85 19.59 3.41
C ILE A 173 43.57 19.08 2.18
N HIS A 174 44.51 19.86 1.67
CA HIS A 174 45.19 19.51 0.43
C HIS A 174 46.56 18.90 0.70
N HIS A 175 46.71 17.62 0.35
CA HIS A 175 47.99 16.94 0.48
C HIS A 175 48.79 17.04 -0.82
N SER A 176 49.87 17.82 -0.81
CA SER A 176 50.68 18.03 -2.00
C SER A 176 51.44 16.78 -2.43
N VAL A 177 51.95 16.80 -3.66
CA VAL A 177 52.74 15.69 -4.18
C VAL A 177 54.05 15.55 -3.40
N SER A 178 54.54 16.66 -2.87
CA SER A 178 55.79 16.68 -2.13
C SER A 178 55.80 17.80 -1.10
N THR A 179 56.88 17.90 -0.33
CA THR A 179 57.03 18.98 0.63
C THR A 179 57.48 20.24 -0.10
N ALA A 180 58.07 20.04 -1.28
CA ALA A 180 58.50 21.15 -2.12
C ALA A 180 57.30 21.89 -2.69
N GLU A 181 56.30 21.14 -3.14
CA GLU A 181 55.10 21.74 -3.71
C GLU A 181 54.29 22.49 -2.65
N GLN A 182 54.26 21.95 -1.45
CA GLN A 182 53.52 22.56 -0.34
C GLN A 182 54.12 23.90 0.08
N THR A 183 55.45 23.99 0.09
CA THR A 183 56.13 25.24 0.39
C THR A 183 55.88 26.27 -0.70
N LYS A 184 55.84 25.78 -1.94
CA LYS A 184 55.54 26.61 -3.11
C LYS A 184 54.14 27.21 -3.00
N LEU A 185 53.21 26.44 -2.44
CA LEU A 185 51.83 26.87 -2.31
C LEU A 185 51.59 27.74 -1.07
N TYR A 186 51.91 27.21 0.10
CA TYR A 186 51.52 27.84 1.35
C TYR A 186 52.71 28.32 2.20
N GLY A 187 53.87 27.70 2.00
CA GLY A 187 55.05 28.04 2.78
C GLY A 187 55.48 26.91 3.69
N SER A 188 56.72 26.98 4.18
CA SER A 188 57.29 25.90 4.96
C SER A 188 56.69 25.82 6.36
N GLY A 189 57.30 25.00 7.21
CA GLY A 189 56.84 24.83 8.57
C GLY A 189 55.56 24.00 8.64
N ASN A 190 55.25 23.49 9.83
CA ASN A 190 54.05 22.71 10.03
C ASN A 190 52.79 23.54 9.76
N LYS A 191 51.85 22.94 9.03
CA LYS A 191 50.59 23.61 8.73
C LYS A 191 49.46 22.97 9.54
N LEU A 192 48.78 23.76 10.36
CA LEU A 192 47.72 23.20 11.20
C LEU A 192 46.35 23.78 10.87
N VAL A 193 45.34 22.92 10.90
CA VAL A 193 43.96 23.34 10.75
C VAL A 193 43.12 22.81 11.92
N THR A 194 42.71 23.72 12.79
CA THR A 194 41.83 23.34 13.90
C THR A 194 40.41 23.78 13.58
N VAL A 195 39.44 22.98 14.01
CA VAL A 195 38.05 23.27 13.76
C VAL A 195 37.24 23.12 15.05
N GLY A 196 36.51 24.17 15.42
CA GLY A 196 35.81 24.18 16.68
C GLY A 196 34.33 24.50 16.60
N SER A 197 33.57 23.87 17.49
CA SER A 197 32.15 24.13 17.61
C SER A 197 31.72 23.73 19.02
N SER A 198 30.41 23.59 19.24
CA SER A 198 29.92 23.15 20.54
C SER A 198 30.02 21.63 20.65
N ASN A 199 29.41 20.93 19.70
CA ASN A 199 29.50 19.48 19.66
C ASN A 199 30.82 18.99 19.08
N TYR A 200 31.39 19.80 18.19
CA TYR A 200 32.55 19.40 17.42
C TYR A 200 33.84 19.98 17.98
N GLN A 201 34.94 19.26 17.74
CA GLN A 201 36.24 19.59 18.31
C GLN A 201 37.32 18.69 17.69
N GLN A 202 38.03 19.20 16.70
CA GLN A 202 39.01 18.38 15.98
C GLN A 202 40.12 19.22 15.35
N SER A 203 41.09 18.54 14.74
CA SER A 203 42.24 19.19 14.14
C SER A 203 42.79 18.35 12.99
N PHE A 204 43.54 18.97 12.09
CA PHE A 204 43.98 18.32 10.86
C PHE A 204 45.40 18.69 10.44
N VAL A 205 46.12 17.71 9.90
CA VAL A 205 47.51 17.89 9.49
C VAL A 205 47.71 17.40 8.05
N PRO A 206 48.43 18.19 7.22
CA PRO A 206 48.69 17.78 5.83
C PRO A 206 49.75 16.70 5.75
N SER A 207 49.85 16.06 4.59
CA SER A 207 50.74 14.91 4.43
C SER A 207 51.29 14.82 3.01
N PRO A 208 52.33 15.61 2.71
CA PRO A 208 52.96 15.59 1.39
C PRO A 208 53.62 14.24 1.07
N GLY A 209 53.35 13.73 -0.13
CA GLY A 209 53.91 12.46 -0.57
C GLY A 209 53.41 12.08 -1.95
N ALA A 210 54.09 11.14 -2.61
CA ALA A 210 53.69 10.74 -3.94
C ALA A 210 52.66 9.62 -3.93
N ARG A 211 51.54 9.85 -4.62
CA ARG A 211 50.49 8.86 -4.75
C ARG A 211 50.35 8.45 -6.21
N PRO A 212 49.69 7.31 -6.49
CA PRO A 212 49.41 6.98 -7.89
C PRO A 212 48.56 8.05 -8.54
N GLN A 213 48.70 8.22 -9.85
CA GLN A 213 48.01 9.28 -10.57
C GLN A 213 46.55 8.93 -10.85
N VAL A 214 45.67 9.77 -10.34
CA VAL A 214 44.23 9.66 -10.64
C VAL A 214 43.78 10.96 -11.30
N ASN A 215 43.20 10.82 -12.49
CA ASN A 215 42.93 11.97 -13.36
C ASN A 215 44.22 12.72 -13.66
N GLY A 216 45.31 11.97 -13.74
CA GLY A 216 46.62 12.52 -14.05
C GLY A 216 47.30 13.29 -12.93
N LEU A 217 46.83 13.12 -11.70
CA LEU A 217 47.39 13.86 -10.58
C LEU A 217 47.73 12.99 -9.37
N SER A 218 48.77 13.37 -8.64
CA SER A 218 49.26 12.58 -7.51
C SER A 218 49.02 13.27 -6.16
N GLY A 219 48.48 14.48 -6.20
CA GLY A 219 48.08 15.16 -4.98
C GLY A 219 46.72 14.68 -4.55
N ARG A 220 46.37 14.89 -3.28
CA ARG A 220 45.08 14.45 -2.78
C ARG A 220 44.39 15.52 -1.94
N ILE A 221 43.08 15.40 -1.76
CA ILE A 221 42.34 16.28 -0.89
C ILE A 221 41.39 15.49 0.01
N ASP A 222 41.60 15.60 1.32
CA ASP A 222 40.65 15.04 2.28
C ASP A 222 39.51 16.01 2.50
N PHE A 223 38.28 15.51 2.40
CA PHE A 223 37.11 16.33 2.67
C PHE A 223 36.47 15.95 4.00
N HIS A 224 36.54 16.87 4.96
CA HIS A 224 35.95 16.66 6.28
C HIS A 224 34.66 17.44 6.42
N TRP A 225 33.82 17.06 7.38
CA TRP A 225 32.53 17.71 7.53
C TRP A 225 31.97 17.64 8.95
N LEU A 226 31.28 18.70 9.35
CA LEU A 226 30.56 18.69 10.61
C LEU A 226 29.18 19.30 10.41
N MET A 227 28.30 19.08 11.37
CA MET A 227 26.95 19.61 11.28
C MET A 227 26.70 20.64 12.36
N LEU A 228 26.90 21.91 12.00
CA LEU A 228 26.67 23.02 12.92
C LEU A 228 25.22 23.10 13.39
N ASN A 229 25.02 23.13 14.70
CA ASN A 229 23.69 23.26 15.26
C ASN A 229 23.14 24.67 15.09
N PRO A 230 21.80 24.82 15.14
CA PRO A 230 21.17 26.14 15.14
C PRO A 230 21.74 27.05 16.23
N ASN A 231 22.00 28.31 15.88
CA ASN A 231 22.61 29.30 16.77
C ASN A 231 24.07 29.00 17.13
N ASP A 232 24.51 27.77 16.89
CA ASP A 232 25.89 27.37 17.18
C ASP A 232 26.83 27.93 16.11
N THR A 233 28.09 28.10 16.48
CA THR A 233 29.07 28.73 15.61
C THR A 233 30.29 27.85 15.39
N VAL A 234 30.76 27.78 14.15
CA VAL A 234 31.97 27.03 13.81
C VAL A 234 33.09 28.01 13.50
N THR A 235 34.33 27.62 13.80
CA THR A 235 35.47 28.49 13.57
C THR A 235 36.67 27.72 13.01
N PHE A 236 37.24 28.25 11.93
CA PHE A 236 38.39 27.62 11.29
C PHE A 236 39.69 28.35 11.59
N SER A 237 40.61 27.67 12.27
CA SER A 237 41.98 28.17 12.44
C SER A 237 42.88 27.46 11.45
N PHE A 238 43.56 28.22 10.60
CA PHE A 238 44.34 27.62 9.53
C PHE A 238 45.48 28.50 9.03
N ASN A 239 46.56 27.87 8.58
CA ASN A 239 47.75 28.57 8.10
C ASN A 239 48.25 28.04 6.76
N GLY A 240 47.34 27.41 6.01
CA GLY A 240 47.69 26.86 4.72
C GLY A 240 47.09 25.49 4.48
N ALA A 241 47.24 25.00 3.26
CA ALA A 241 46.72 23.70 2.85
C ALA A 241 45.23 23.59 3.13
N PHE A 242 44.53 24.71 3.02
CA PHE A 242 43.12 24.76 3.37
C PHE A 242 42.25 24.96 2.13
N ILE A 243 41.23 24.11 2.01
CA ILE A 243 40.21 24.31 0.99
C ILE A 243 38.93 24.75 1.69
N ALA A 244 38.67 26.05 1.66
CA ALA A 244 37.57 26.64 2.42
C ALA A 244 36.23 26.42 1.74
N PRO A 245 35.16 26.31 2.55
CA PRO A 245 33.81 26.32 2.00
C PRO A 245 33.39 27.73 1.61
N ASP A 246 32.77 27.87 0.45
CA ASP A 246 32.21 29.15 0.06
C ASP A 246 30.79 29.23 0.62
N ARG A 247 30.09 28.11 0.62
CA ARG A 247 28.70 28.07 1.05
C ARG A 247 28.43 26.88 1.97
N ALA A 248 27.48 27.06 2.88
CA ALA A 248 27.02 25.98 3.74
C ALA A 248 25.77 25.35 3.14
N SER A 249 25.41 24.16 3.62
CA SER A 249 24.24 23.47 3.09
C SER A 249 23.18 23.23 4.18
N PHE A 250 21.93 23.11 3.76
CA PHE A 250 20.82 22.83 4.67
C PHE A 250 19.89 21.81 4.06
N LEU A 251 19.33 20.94 4.90
CA LEU A 251 18.45 19.90 4.40
C LEU A 251 17.05 20.47 4.21
N ARG A 252 16.39 20.07 3.13
CA ARG A 252 15.11 20.67 2.77
C ARG A 252 13.95 19.98 3.46
N GLY A 253 14.00 18.66 3.57
CA GLY A 253 12.94 17.90 4.20
C GLY A 253 13.26 16.42 4.34
N LYS A 254 12.50 15.59 3.63
CA LYS A 254 12.68 14.16 3.70
C LYS A 254 12.60 13.49 2.33
N SER A 255 13.48 12.52 2.10
CA SER A 255 13.48 11.74 0.88
C SER A 255 14.00 10.35 1.15
N MET A 256 13.99 9.53 0.11
CA MET A 256 14.60 8.21 0.15
C MET A 256 15.67 8.16 -0.93
N GLY A 257 16.72 7.37 -0.71
CA GLY A 257 17.78 7.23 -1.69
C GLY A 257 17.99 5.79 -2.11
N ILE A 258 18.09 5.56 -3.42
CA ILE A 258 18.37 4.23 -3.93
C ILE A 258 19.60 4.21 -4.83
N GLN A 259 20.13 3.02 -5.07
CA GLN A 259 21.19 2.83 -6.03
C GLN A 259 20.71 1.85 -7.08
N SER A 260 20.79 2.23 -8.35
CA SER A 260 20.18 1.42 -9.39
C SER A 260 20.90 1.45 -10.73
N GLY A 261 20.65 0.42 -11.54
CA GLY A 261 21.22 0.33 -12.87
C GLY A 261 20.16 0.17 -13.95
N VAL A 262 18.93 0.56 -13.64
CA VAL A 262 17.83 0.52 -14.60
C VAL A 262 17.23 1.90 -14.80
N GLN A 263 16.51 2.08 -15.91
CA GLN A 263 15.96 3.40 -16.27
C GLN A 263 14.82 3.86 -15.37
N VAL A 264 14.68 5.18 -15.24
CA VAL A 264 13.56 5.78 -14.54
C VAL A 264 12.30 5.73 -15.40
N ASP A 265 11.18 5.32 -14.80
CA ASP A 265 9.90 5.27 -15.49
C ASP A 265 8.86 6.13 -14.75
N ALA A 266 8.56 7.30 -15.31
CA ALA A 266 7.64 8.23 -14.66
C ALA A 266 6.18 7.81 -14.77
N ASN A 267 5.90 6.77 -15.55
CA ASN A 267 4.51 6.39 -15.80
C ASN A 267 4.00 5.28 -14.89
N CYS A 268 4.90 4.66 -14.13
CA CYS A 268 4.49 3.65 -13.16
C CYS A 268 4.83 4.13 -11.75
N GLU A 269 4.15 3.58 -10.75
CA GLU A 269 4.41 3.98 -9.38
C GLU A 269 4.54 2.77 -8.46
N GLY A 270 5.37 2.91 -7.45
CA GLY A 270 5.60 1.88 -6.46
C GLY A 270 6.36 2.50 -5.31
N ASP A 271 6.44 1.79 -4.18
CA ASP A 271 7.13 2.32 -3.02
C ASP A 271 8.21 1.34 -2.56
N CYS A 272 8.48 0.34 -3.39
CA CYS A 272 9.49 -0.66 -3.09
C CYS A 272 10.46 -0.77 -4.26
N TYR A 273 11.73 -0.43 -4.01
CA TYR A 273 12.75 -0.42 -5.05
C TYR A 273 13.93 -1.33 -4.73
N HIS A 274 14.62 -1.76 -5.77
CA HIS A 274 15.94 -2.36 -5.62
C HIS A 274 16.78 -1.95 -6.83
N SER A 275 18.02 -2.41 -6.89
CA SER A 275 18.91 -1.99 -7.97
C SER A 275 18.44 -2.48 -9.33
N GLY A 276 17.62 -3.52 -9.34
CA GLY A 276 17.15 -4.12 -10.56
C GLY A 276 15.78 -3.64 -11.02
N GLY A 277 15.11 -2.86 -10.20
CA GLY A 277 13.81 -2.32 -10.58
C GLY A 277 12.85 -2.00 -9.45
N THR A 278 11.57 -2.28 -9.65
CA THR A 278 10.52 -1.91 -8.71
C THR A 278 9.59 -3.09 -8.41
N ILE A 279 9.26 -3.27 -7.13
CA ILE A 279 8.35 -4.34 -6.73
C ILE A 279 6.94 -3.80 -6.50
N ILE A 280 6.09 -3.96 -7.51
CA ILE A 280 4.70 -3.54 -7.44
C ILE A 280 3.83 -4.74 -7.08
N SER A 281 3.43 -4.82 -5.83
CA SER A 281 2.73 -6.02 -5.38
C SER A 281 1.97 -5.75 -4.11
N ASN A 282 0.83 -6.45 -3.98
CA ASN A 282 0.07 -6.45 -2.74
C ASN A 282 0.50 -7.62 -1.86
N LEU A 283 1.21 -8.57 -2.46
CA LEU A 283 1.62 -9.80 -1.78
C LEU A 283 2.47 -9.51 -0.54
N PRO A 284 2.30 -10.32 0.52
CA PRO A 284 3.02 -10.11 1.78
C PRO A 284 4.50 -10.47 1.71
N PHE A 285 4.88 -11.32 0.76
CA PHE A 285 6.27 -11.78 0.66
C PHE A 285 6.87 -11.59 -0.72
N GLN A 286 8.15 -11.24 -0.75
CA GLN A 286 8.90 -11.12 -2.00
C GLN A 286 10.15 -12.01 -1.99
N ASN A 287 10.50 -12.56 -3.14
CA ASN A 287 11.69 -13.38 -3.28
C ASN A 287 12.60 -12.81 -4.37
N ILE A 288 12.64 -11.50 -4.46
CA ILE A 288 13.39 -10.82 -5.50
C ILE A 288 14.74 -10.30 -5.00
N ASP A 289 14.73 -9.51 -3.94
CA ASP A 289 15.94 -8.91 -3.41
C ASP A 289 15.79 -8.65 -1.91
N SER A 290 16.67 -9.24 -1.11
CA SER A 290 16.65 -9.06 0.34
C SER A 290 17.02 -7.63 0.73
N ARG A 291 17.72 -6.93 -0.15
CA ARG A 291 18.13 -5.55 0.13
C ARG A 291 17.18 -4.52 -0.49
N ALA A 292 15.94 -4.94 -0.76
CA ALA A 292 14.92 -4.01 -1.22
C ALA A 292 14.59 -2.99 -0.15
N VAL A 293 14.45 -1.73 -0.54
CA VAL A 293 14.14 -0.67 0.42
C VAL A 293 12.81 0.03 0.09
N GLY A 294 12.32 0.83 1.02
CA GLY A 294 11.03 1.46 0.90
C GLY A 294 9.99 0.73 1.73
N LYS A 295 8.77 0.63 1.20
CA LYS A 295 7.72 -0.13 1.87
C LYS A 295 7.45 -1.40 1.07
N CYS A 296 8.02 -2.50 1.55
CA CYS A 296 8.11 -3.74 0.77
C CYS A 296 7.41 -4.93 1.41
N PRO A 297 7.16 -5.98 0.61
CA PRO A 297 6.84 -7.28 1.20
C PRO A 297 8.08 -7.85 1.90
N ARG A 298 7.89 -8.74 2.87
CA ARG A 298 9.03 -9.32 3.58
C ARG A 298 9.81 -10.22 2.64
N TYR A 299 11.13 -10.06 2.59
CA TYR A 299 11.93 -10.97 1.78
C TYR A 299 11.94 -12.35 2.41
N VAL A 300 11.70 -13.37 1.59
CA VAL A 300 11.75 -14.74 2.07
C VAL A 300 12.65 -15.60 1.17
N LYS A 301 13.09 -16.75 1.71
CA LYS A 301 13.93 -17.67 0.96
C LYS A 301 13.15 -18.43 -0.10
N GLN A 302 11.89 -18.75 0.22
CA GLN A 302 11.08 -19.58 -0.66
C GLN A 302 10.79 -18.88 -1.97
N ARG A 303 10.76 -19.67 -3.04
CA ARG A 303 10.41 -19.16 -4.36
C ARG A 303 8.88 -19.09 -4.49
N SER A 304 8.18 -19.95 -3.75
CA SER A 304 6.73 -20.03 -3.83
C SER A 304 6.08 -20.61 -2.56
N LEU A 305 4.92 -20.05 -2.19
CA LEU A 305 4.11 -20.59 -1.10
C LEU A 305 2.62 -20.46 -1.44
N LEU A 306 1.98 -21.56 -1.80
CA LEU A 306 0.60 -21.50 -2.25
C LEU A 306 -0.39 -21.53 -1.09
N LEU A 307 -1.19 -20.47 -1.02
CA LEU A 307 -2.25 -20.35 -0.04
C LEU A 307 -3.56 -20.84 -0.62
N ALA A 308 -4.14 -21.87 -0.02
CA ALA A 308 -5.38 -22.45 -0.52
C ALA A 308 -6.54 -21.46 -0.42
N THR A 309 -7.31 -21.37 -1.50
CA THR A 309 -8.48 -20.50 -1.54
C THR A 309 -9.74 -21.29 -1.89
N GLY A 310 -9.67 -22.60 -1.68
CA GLY A 310 -10.80 -23.48 -1.93
C GLY A 310 -10.74 -24.71 -1.05
N MET A 311 -11.74 -25.57 -1.18
CA MET A 311 -11.80 -26.78 -0.37
C MET A 311 -10.88 -27.86 -0.92
N LYS A 312 -10.89 -29.02 -0.28
CA LYS A 312 -10.13 -30.18 -0.75
C LYS A 312 -10.76 -30.72 -2.02
N ASN A 313 -9.99 -30.75 -3.11
CA ASN A 313 -10.48 -31.27 -4.37
C ASN A 313 -10.53 -32.80 -4.38
N VAL A 314 -11.73 -33.34 -4.60
CA VAL A 314 -11.91 -34.79 -4.69
C VAL A 314 -12.65 -35.17 -5.97
N PRO A 315 -11.91 -35.29 -7.08
CA PRO A 315 -12.50 -35.58 -8.40
C PRO A 315 -13.10 -36.98 -8.48
N GLU A 316 -13.91 -37.21 -9.49
CA GLU A 316 -14.61 -38.48 -9.65
C GLU A 316 -13.72 -39.56 -10.28
N LEU B 2 -8.47 -34.13 10.08
CA LEU B 2 -9.61 -33.51 9.38
C LEU B 2 -10.66 -32.97 10.35
N PHE B 3 -11.91 -33.24 10.00
CA PHE B 3 -13.06 -32.85 10.81
C PHE B 3 -14.06 -33.98 10.90
N GLY B 4 -15.08 -33.93 10.05
CA GLY B 4 -16.14 -34.90 10.04
C GLY B 4 -16.38 -35.42 8.63
N ALA B 5 -15.31 -35.44 7.84
CA ALA B 5 -15.26 -36.08 6.53
C ALA B 5 -15.96 -35.34 5.38
N ILE B 6 -15.19 -34.53 4.64
CA ILE B 6 -15.57 -34.10 3.30
C ILE B 6 -15.03 -35.13 2.33
N ALA B 7 -13.80 -35.57 2.58
CA ALA B 7 -13.19 -36.64 1.80
C ALA B 7 -13.24 -37.93 2.60
N GLY B 8 -14.39 -38.19 3.21
CA GLY B 8 -14.62 -39.39 3.99
C GLY B 8 -15.84 -40.16 3.52
N PHE B 9 -16.95 -40.06 4.26
CA PHE B 9 -18.13 -40.85 3.90
C PHE B 9 -18.75 -40.33 2.60
N ILE B 10 -18.52 -39.06 2.29
CA ILE B 10 -18.83 -38.54 0.97
C ILE B 10 -17.64 -38.85 0.08
N GLU B 11 -17.81 -39.82 -0.81
CA GLU B 11 -16.68 -40.40 -1.53
C GLU B 11 -16.01 -39.43 -2.50
N ASN B 12 -16.79 -38.63 -3.21
CA ASN B 12 -16.20 -37.65 -4.11
C ASN B 12 -17.09 -36.41 -4.30
N GLY B 13 -16.52 -35.40 -4.95
CA GLY B 13 -17.27 -34.19 -5.25
C GLY B 13 -17.93 -34.24 -6.61
N TRP B 14 -18.75 -33.24 -6.89
CA TRP B 14 -19.48 -33.18 -8.14
C TRP B 14 -18.92 -32.11 -9.06
N GLU B 15 -18.19 -32.54 -10.08
CA GLU B 15 -17.60 -31.61 -11.05
C GLU B 15 -18.69 -30.86 -11.82
N GLY B 16 -19.88 -31.44 -11.85
CA GLY B 16 -21.01 -30.82 -12.52
C GLY B 16 -21.66 -29.72 -11.70
N LEU B 17 -21.29 -29.65 -10.43
CA LEU B 17 -21.85 -28.63 -9.54
C LEU B 17 -21.09 -27.30 -9.69
N ILE B 18 -21.48 -26.52 -10.68
CA ILE B 18 -20.83 -25.24 -10.94
C ILE B 18 -21.67 -24.08 -10.43
N ASP B 19 -22.70 -24.40 -9.66
CA ASP B 19 -23.66 -23.42 -9.17
C ASP B 19 -23.32 -22.94 -7.75
N GLY B 20 -22.49 -23.71 -7.06
CA GLY B 20 -22.10 -23.40 -5.70
C GLY B 20 -21.05 -24.36 -5.20
N TRP B 21 -20.72 -24.29 -3.91
CA TRP B 21 -19.68 -25.16 -3.34
C TRP B 21 -20.29 -26.40 -2.68
N TYR B 22 -21.51 -26.26 -2.19
CA TYR B 22 -22.25 -27.38 -1.61
C TYR B 22 -23.62 -27.46 -2.26
N GLY B 23 -24.27 -28.60 -2.15
CA GLY B 23 -25.59 -28.75 -2.73
C GLY B 23 -26.24 -30.10 -2.53
N PHE B 24 -27.43 -30.26 -3.10
CA PHE B 24 -28.19 -31.49 -2.99
C PHE B 24 -28.34 -32.15 -4.35
N ARG B 25 -28.41 -33.48 -4.35
CA ARG B 25 -28.72 -34.22 -5.57
C ARG B 25 -29.76 -35.29 -5.25
N HIS B 26 -31.00 -35.02 -5.65
CA HIS B 26 -32.11 -35.88 -5.29
C HIS B 26 -32.56 -36.78 -6.44
N GLN B 27 -33.25 -37.86 -6.08
CA GLN B 27 -33.75 -38.83 -7.05
C GLN B 27 -35.14 -39.31 -6.66
N ASN B 28 -36.11 -39.18 -7.56
CA ASN B 28 -37.46 -39.65 -7.30
C ASN B 28 -38.15 -40.20 -8.54
N ALA B 29 -39.47 -40.04 -8.60
CA ALA B 29 -40.26 -40.58 -9.70
C ALA B 29 -40.37 -39.60 -10.86
N GLN B 30 -39.78 -38.41 -10.70
CA GLN B 30 -39.89 -37.38 -11.72
C GLN B 30 -38.57 -37.17 -12.48
N GLY B 31 -37.51 -37.82 -12.02
CA GLY B 31 -36.23 -37.76 -12.70
C GLY B 31 -35.06 -37.40 -11.81
N GLU B 32 -34.00 -36.88 -12.43
CA GLU B 32 -32.78 -36.51 -11.72
C GLU B 32 -32.74 -35.01 -11.42
N GLY B 33 -32.26 -34.66 -10.23
CA GLY B 33 -32.19 -33.27 -9.82
C GLY B 33 -30.93 -32.90 -9.06
N THR B 34 -30.39 -31.72 -9.33
CA THR B 34 -29.20 -31.23 -8.65
C THR B 34 -29.24 -29.71 -8.50
N ALA B 35 -29.12 -29.24 -7.26
CA ALA B 35 -29.16 -27.81 -6.98
C ALA B 35 -28.18 -27.45 -5.87
N ALA B 36 -27.59 -26.26 -5.98
CA ALA B 36 -26.60 -25.81 -5.01
C ALA B 36 -27.26 -25.20 -3.77
N ASP B 37 -26.52 -25.19 -2.65
CA ASP B 37 -26.96 -24.48 -1.46
C ASP B 37 -26.17 -23.18 -1.35
N TYR B 38 -26.88 -22.06 -1.42
CA TYR B 38 -26.24 -20.75 -1.51
C TYR B 38 -25.65 -20.27 -0.19
N LYS B 39 -26.36 -20.50 0.91
CA LYS B 39 -25.96 -19.95 2.20
C LYS B 39 -24.72 -20.60 2.80
N SER B 40 -24.65 -21.93 2.73
CA SER B 40 -23.50 -22.65 3.28
C SER B 40 -22.25 -22.42 2.43
N THR B 41 -22.44 -22.29 1.13
CA THR B 41 -21.36 -21.95 0.21
C THR B 41 -20.79 -20.60 0.59
N GLN B 42 -21.68 -19.63 0.78
CA GLN B 42 -21.28 -18.27 1.07
C GLN B 42 -20.61 -18.16 2.44
N SER B 43 -21.01 -19.01 3.37
CA SER B 43 -20.36 -19.08 4.67
C SER B 43 -18.88 -19.39 4.49
N ALA B 44 -18.60 -20.43 3.70
CA ALA B 44 -17.24 -20.83 3.42
C ALA B 44 -16.48 -19.73 2.69
N ILE B 45 -17.10 -19.16 1.66
CA ILE B 45 -16.49 -18.10 0.88
C ILE B 45 -16.14 -16.88 1.73
N ASP B 46 -17.02 -16.54 2.66
CA ASP B 46 -16.78 -15.42 3.57
C ASP B 46 -15.53 -15.64 4.42
N GLN B 47 -15.42 -16.83 5.00
CA GLN B 47 -14.30 -17.14 5.90
C GLN B 47 -12.95 -17.10 5.16
N ILE B 48 -12.92 -17.70 3.97
CA ILE B 48 -11.69 -17.71 3.17
C ILE B 48 -11.34 -16.30 2.71
N THR B 49 -12.34 -15.54 2.29
CA THR B 49 -12.12 -14.14 1.92
C THR B 49 -11.61 -13.35 3.13
N GLY B 50 -12.11 -13.68 4.31
CA GLY B 50 -11.64 -13.06 5.53
C GLY B 50 -10.16 -13.30 5.78
N LYS B 51 -9.73 -14.54 5.59
CA LYS B 51 -8.31 -14.91 5.70
C LYS B 51 -7.44 -14.14 4.72
N LEU B 52 -7.77 -14.27 3.44
CA LEU B 52 -7.00 -13.70 2.35
C LEU B 52 -6.76 -12.21 2.51
N ASN B 53 -7.82 -11.49 2.87
CA ASN B 53 -7.72 -10.05 3.01
C ASN B 53 -6.92 -9.68 4.25
N ARG B 54 -6.88 -10.58 5.22
CA ARG B 54 -6.04 -10.38 6.40
C ARG B 54 -4.58 -10.70 6.09
N LEU B 55 -4.37 -11.73 5.27
CA LEU B 55 -3.02 -12.16 4.92
C LEU B 55 -2.36 -11.28 3.86
N ILE B 56 -3.07 -11.04 2.75
CA ILE B 56 -2.57 -10.14 1.74
C ILE B 56 -2.56 -8.74 2.34
N GLU B 57 -1.35 -8.23 2.59
CA GLU B 57 -1.17 -6.96 3.26
C GLU B 57 0.32 -6.61 3.20
N LYS B 58 0.64 -5.34 3.36
CA LYS B 58 2.01 -4.87 3.32
C LYS B 58 2.24 -3.90 4.49
N THR B 59 3.50 -3.69 4.86
CA THR B 59 3.82 -2.72 5.90
C THR B 59 3.60 -1.29 5.42
N ASN B 60 3.44 -0.39 6.39
CA ASN B 60 3.55 1.02 6.12
C ASN B 60 4.82 1.52 6.77
N GLN B 61 5.69 0.57 7.12
CA GLN B 61 7.00 0.88 7.67
C GLN B 61 8.01 0.99 6.54
N GLN B 62 8.73 2.11 6.54
CA GLN B 62 9.74 2.36 5.51
C GLN B 62 11.13 1.96 5.98
N PHE B 63 11.81 1.15 5.19
CA PHE B 63 13.19 0.76 5.49
C PHE B 63 14.15 1.38 4.48
N GLU B 64 15.30 1.84 4.98
CA GLU B 64 16.26 2.54 4.13
C GLU B 64 17.46 1.68 3.80
N LEU B 65 18.40 2.27 3.08
CA LEU B 65 19.67 1.66 2.76
C LEU B 65 20.60 1.82 3.96
N ILE B 66 21.37 0.78 4.28
CA ILE B 66 22.33 0.89 5.38
C ILE B 66 23.71 0.38 5.00
N ASP B 67 23.81 -0.31 3.87
CA ASP B 67 25.09 -0.60 3.25
C ASP B 67 25.11 -0.08 1.82
N ASN B 68 26.14 -0.44 1.07
CA ASN B 68 26.39 0.18 -0.23
C ASN B 68 26.80 -0.83 -1.29
N GLU B 69 26.06 -0.81 -2.40
CA GLU B 69 26.27 -1.71 -3.52
C GLU B 69 27.42 -1.24 -4.40
N PHE B 70 27.75 0.05 -4.33
CA PHE B 70 28.76 0.65 -5.19
C PHE B 70 30.13 0.73 -4.52
N ASN B 71 30.21 1.45 -3.40
CA ASN B 71 31.44 1.52 -2.62
C ASN B 71 31.24 0.90 -1.23
N GLU B 72 31.71 -0.33 -1.08
CA GLU B 72 31.43 -1.15 0.10
C GLU B 72 31.77 -0.48 1.42
N VAL B 73 30.90 -0.67 2.40
CA VAL B 73 31.14 -0.18 3.75
C VAL B 73 32.25 -0.98 4.42
N GLU B 74 32.73 -0.50 5.56
CA GLU B 74 33.80 -1.15 6.27
C GLU B 74 33.37 -2.54 6.74
N LYS B 75 34.31 -3.49 6.72
CA LYS B 75 34.01 -4.91 6.94
C LYS B 75 33.26 -5.22 8.23
N GLN B 76 33.72 -4.64 9.34
CA GLN B 76 33.13 -4.99 10.62
C GLN B 76 31.65 -4.59 10.70
N ILE B 77 31.32 -3.37 10.30
CA ILE B 77 29.92 -2.95 10.29
C ILE B 77 29.16 -3.67 9.18
N GLY B 78 29.86 -4.01 8.10
CA GLY B 78 29.26 -4.76 7.01
C GLY B 78 28.83 -6.15 7.44
N ASN B 79 29.70 -6.84 8.16
CA ASN B 79 29.40 -8.19 8.64
C ASN B 79 28.27 -8.24 9.67
N VAL B 80 28.20 -7.23 10.53
CA VAL B 80 27.09 -7.11 11.48
C VAL B 80 25.77 -6.93 10.75
N ILE B 81 25.78 -6.05 9.76
CA ILE B 81 24.60 -5.76 8.94
C ILE B 81 24.14 -7.01 8.19
N ASN B 82 25.08 -7.69 7.54
CA ASN B 82 24.76 -8.92 6.83
C ASN B 82 24.22 -10.01 7.75
N TRP B 83 24.84 -10.13 8.92
CA TRP B 83 24.42 -11.10 9.92
C TRP B 83 23.00 -10.80 10.40
N THR B 84 22.70 -9.52 10.65
CA THR B 84 21.38 -9.13 11.11
C THR B 84 20.31 -9.39 10.04
N ARG B 85 20.57 -8.92 8.83
CA ARG B 85 19.63 -9.07 7.73
C ARG B 85 19.28 -10.53 7.47
N ASP B 86 20.31 -11.38 7.40
CA ASP B 86 20.10 -12.81 7.23
C ASP B 86 19.20 -13.39 8.32
N SER B 87 19.42 -12.94 9.55
CA SER B 87 18.62 -13.39 10.68
C SER B 87 17.14 -13.05 10.51
N ILE B 88 16.86 -11.82 10.09
CA ILE B 88 15.49 -11.39 9.84
C ILE B 88 14.89 -12.21 8.70
N THR B 89 15.71 -12.49 7.68
CA THR B 89 15.27 -13.31 6.56
C THR B 89 14.82 -14.67 7.05
N GLU B 90 15.62 -15.29 7.93
CA GLU B 90 15.26 -16.58 8.48
C GLU B 90 13.93 -16.52 9.22
N VAL B 91 13.76 -15.51 10.06
CA VAL B 91 12.53 -15.35 10.81
C VAL B 91 11.32 -15.20 9.90
N TRP B 92 11.43 -14.36 8.87
CA TRP B 92 10.32 -14.16 7.94
C TRP B 92 10.09 -15.38 7.07
N SER B 93 11.15 -16.08 6.73
CA SER B 93 11.01 -17.32 5.98
C SER B 93 10.25 -18.35 6.82
N TYR B 94 10.63 -18.46 8.10
CA TYR B 94 9.93 -19.35 9.02
C TYR B 94 8.46 -18.95 9.16
N ASN B 95 8.24 -17.68 9.52
CA ASN B 95 6.87 -17.16 9.68
C ASN B 95 6.00 -17.42 8.46
N ALA B 96 6.51 -17.10 7.28
CA ALA B 96 5.79 -17.25 6.03
C ALA B 96 5.33 -18.68 5.79
N GLU B 97 6.27 -19.62 5.85
CA GLU B 97 5.95 -21.02 5.55
C GLU B 97 5.03 -21.62 6.61
N LEU B 98 5.20 -21.22 7.86
CA LEU B 98 4.33 -21.70 8.93
C LEU B 98 2.94 -21.10 8.80
N LEU B 99 2.88 -19.81 8.46
CA LEU B 99 1.62 -19.13 8.24
C LEU B 99 0.78 -19.83 7.18
N VAL B 100 1.35 -19.97 5.99
CA VAL B 100 0.66 -20.59 4.87
C VAL B 100 0.23 -22.02 5.18
N ALA B 101 1.12 -22.78 5.81
CA ALA B 101 0.82 -24.17 6.15
C ALA B 101 -0.34 -24.24 7.14
N MET B 102 -0.30 -23.39 8.16
CA MET B 102 -1.33 -23.36 9.18
C MET B 102 -2.69 -22.94 8.60
N GLU B 103 -2.67 -21.89 7.77
CA GLU B 103 -3.88 -21.40 7.11
C GLU B 103 -4.51 -22.46 6.20
N ASN B 104 -3.68 -23.15 5.42
CA ASN B 104 -4.16 -24.19 4.52
C ASN B 104 -4.82 -25.33 5.28
N GLN B 105 -4.27 -25.67 6.45
CA GLN B 105 -4.84 -26.70 7.30
C GLN B 105 -6.23 -26.28 7.78
N HIS B 106 -6.37 -25.01 8.16
CA HIS B 106 -7.65 -24.51 8.65
C HIS B 106 -8.67 -24.33 7.53
N THR B 107 -8.19 -23.91 6.35
CA THR B 107 -9.09 -23.70 5.22
C THR B 107 -9.79 -25.01 4.84
N ILE B 108 -8.99 -26.05 4.67
CA ILE B 108 -9.49 -27.37 4.34
C ILE B 108 -10.45 -27.89 5.41
N ASP B 109 -10.06 -27.73 6.67
CA ASP B 109 -10.87 -28.21 7.79
C ASP B 109 -12.20 -27.45 7.94
N LEU B 110 -12.21 -26.15 7.67
CA LEU B 110 -13.44 -25.37 7.83
C LEU B 110 -14.43 -25.68 6.71
N ALA B 111 -13.89 -26.02 5.53
CA ALA B 111 -14.71 -26.45 4.41
C ALA B 111 -15.36 -27.78 4.75
N ASP B 112 -14.58 -28.64 5.40
CA ASP B 112 -15.08 -29.89 5.97
C ASP B 112 -16.21 -29.58 6.95
N SER B 113 -15.94 -28.64 7.84
CA SER B 113 -16.90 -28.22 8.86
C SER B 113 -18.24 -27.80 8.25
N GLU B 114 -18.20 -26.96 7.23
CA GLU B 114 -19.42 -26.45 6.61
C GLU B 114 -20.26 -27.56 5.97
N MET B 115 -19.59 -28.51 5.34
CA MET B 115 -20.25 -29.66 4.73
C MET B 115 -20.92 -30.53 5.79
N ASP B 116 -20.22 -30.75 6.90
CA ASP B 116 -20.77 -31.53 8.00
C ASP B 116 -21.97 -30.80 8.62
N LYS B 117 -21.86 -29.49 8.75
CA LYS B 117 -22.93 -28.70 9.36
C LYS B 117 -24.21 -28.74 8.53
N LEU B 118 -24.07 -28.62 7.21
CA LEU B 118 -25.23 -28.69 6.33
C LEU B 118 -25.84 -30.09 6.33
N TYR B 119 -24.97 -31.10 6.33
CA TYR B 119 -25.39 -32.49 6.31
C TYR B 119 -26.24 -32.87 7.52
N GLU B 120 -25.68 -32.66 8.71
CA GLU B 120 -26.38 -33.00 9.94
C GLU B 120 -27.56 -32.07 10.20
N ARG B 121 -27.64 -30.96 9.47
CA ARG B 121 -28.80 -30.08 9.55
C ARG B 121 -29.99 -30.74 8.85
N VAL B 122 -29.74 -31.27 7.66
CA VAL B 122 -30.75 -32.01 6.90
C VAL B 122 -31.22 -33.21 7.71
N LYS B 123 -30.29 -33.86 8.39
CA LYS B 123 -30.58 -35.03 9.20
C LYS B 123 -31.62 -34.72 10.29
N ARG B 124 -31.45 -33.57 10.94
CA ARG B 124 -32.39 -33.13 11.97
C ARG B 124 -33.67 -32.60 11.34
N GLN B 125 -33.56 -32.23 10.06
CA GLN B 125 -34.68 -31.64 9.33
C GLN B 125 -35.69 -32.70 8.92
N LEU B 126 -35.22 -33.93 8.76
CA LEU B 126 -36.07 -35.04 8.32
C LEU B 126 -36.66 -35.84 9.48
N ARG B 127 -36.12 -35.63 10.69
CA ARG B 127 -36.53 -36.37 11.88
C ARG B 127 -36.52 -37.87 11.58
N GLU B 128 -37.64 -38.53 11.84
CA GLU B 128 -37.71 -39.98 11.75
C GLU B 128 -38.30 -40.45 10.42
N ASN B 129 -38.37 -39.54 9.46
CA ASN B 129 -38.99 -39.84 8.15
C ASN B 129 -37.98 -40.38 7.15
N ALA B 130 -36.71 -40.36 7.51
CA ALA B 130 -35.66 -40.86 6.64
C ALA B 130 -34.59 -41.59 7.43
N GLU B 131 -33.68 -42.26 6.73
CA GLU B 131 -32.59 -42.98 7.37
C GLU B 131 -31.26 -42.67 6.68
N GLU B 132 -30.20 -42.72 7.47
CA GLU B 132 -28.87 -42.36 6.99
C GLU B 132 -28.30 -43.43 6.07
N ASP B 133 -28.04 -43.05 4.82
CA ASP B 133 -27.50 -43.98 3.83
C ASP B 133 -26.10 -44.45 4.20
N GLY B 134 -25.23 -43.51 4.54
CA GLY B 134 -23.86 -43.84 4.90
C GLY B 134 -22.85 -43.25 3.93
N THR B 135 -23.35 -42.70 2.83
CA THR B 135 -22.50 -42.07 1.83
C THR B 135 -22.89 -40.61 1.65
N GLY B 136 -23.58 -40.06 2.65
CA GLY B 136 -24.02 -38.67 2.60
C GLY B 136 -25.45 -38.53 2.12
N CYS B 137 -26.08 -39.65 1.76
CA CYS B 137 -27.43 -39.62 1.26
C CYS B 137 -28.46 -39.92 2.34
N PHE B 138 -29.71 -39.55 2.08
CA PHE B 138 -30.81 -39.85 2.98
C PHE B 138 -31.90 -40.60 2.25
N GLU B 139 -32.06 -41.88 2.57
CA GLU B 139 -33.14 -42.68 1.99
C GLU B 139 -34.47 -42.27 2.59
N ILE B 140 -35.34 -41.68 1.77
CA ILE B 140 -36.62 -41.17 2.24
C ILE B 140 -37.71 -42.23 2.11
N PHE B 141 -38.58 -42.31 3.11
CA PHE B 141 -39.59 -43.35 3.16
C PHE B 141 -41.01 -42.83 2.94
N HIS B 142 -41.15 -41.83 2.09
CA HIS B 142 -42.48 -41.36 1.73
C HIS B 142 -42.52 -40.76 0.33
N LYS B 143 -41.66 -41.28 -0.53
CA LYS B 143 -41.51 -40.85 -1.93
C LYS B 143 -41.74 -39.36 -2.12
N CYS B 144 -40.67 -38.60 -1.90
CA CYS B 144 -40.72 -37.14 -1.92
C CYS B 144 -40.69 -36.59 -3.35
N ASP B 145 -41.66 -35.76 -3.68
CA ASP B 145 -41.72 -35.15 -5.01
C ASP B 145 -40.86 -33.89 -5.07
N ASP B 146 -40.83 -33.24 -6.24
CA ASP B 146 -39.96 -32.09 -6.47
C ASP B 146 -40.24 -30.93 -5.52
N ASP B 147 -41.51 -30.72 -5.18
CA ASP B 147 -41.87 -29.67 -4.25
C ASP B 147 -41.43 -30.06 -2.84
N CYS B 148 -41.51 -31.35 -2.53
CA CYS B 148 -41.09 -31.85 -1.24
C CYS B 148 -39.58 -31.69 -1.08
N MET B 149 -38.84 -31.98 -2.16
CA MET B 149 -37.38 -31.83 -2.16
C MET B 149 -36.99 -30.37 -1.94
N ALA B 150 -37.68 -29.47 -2.63
CA ALA B 150 -37.38 -28.05 -2.54
C ALA B 150 -37.64 -27.50 -1.14
N SER B 151 -38.59 -28.12 -0.44
CA SER B 151 -38.90 -27.71 0.92
C SER B 151 -37.79 -28.13 1.85
N ILE B 152 -37.09 -29.21 1.49
CA ILE B 152 -35.93 -29.68 2.25
C ILE B 152 -34.73 -28.77 2.00
N ARG B 153 -34.61 -28.28 0.76
CA ARG B 153 -33.50 -27.41 0.38
C ARG B 153 -33.52 -26.07 1.11
N ASN B 154 -34.69 -25.43 1.16
CA ASN B 154 -34.78 -24.13 1.84
C ASN B 154 -35.32 -24.23 3.26
N ASN B 155 -35.05 -25.37 3.90
CA ASN B 155 -35.28 -25.55 5.34
C ASN B 155 -36.71 -25.24 5.80
N THR B 156 -37.70 -25.79 5.11
CA THR B 156 -39.10 -25.55 5.46
C THR B 156 -39.88 -26.85 5.63
N TYR B 157 -39.24 -27.95 5.23
CA TYR B 157 -39.83 -29.29 5.29
C TYR B 157 -40.44 -29.61 6.64
N ASP B 158 -41.76 -29.80 6.66
CA ASP B 158 -42.47 -30.20 7.87
C ASP B 158 -42.43 -31.72 8.02
N HIS B 159 -41.66 -32.19 8.98
CA HIS B 159 -41.46 -33.63 9.18
C HIS B 159 -42.75 -34.35 9.57
N SER B 160 -43.63 -33.66 10.30
CA SER B 160 -44.81 -34.30 10.88
C SER B 160 -45.97 -34.41 9.91
N LYS B 161 -45.76 -33.96 8.67
CA LYS B 161 -46.78 -34.07 7.62
C LYS B 161 -46.53 -35.28 6.74
N TYR B 162 -45.39 -35.94 6.95
CA TYR B 162 -45.05 -37.15 6.21
C TYR B 162 -44.69 -38.27 7.19
N ARG B 163 -44.82 -37.97 8.47
CA ARG B 163 -44.35 -38.87 9.54
C ARG B 163 -45.04 -40.22 9.56
N GLU B 164 -46.37 -40.22 9.51
CA GLU B 164 -47.16 -41.44 9.53
C GLU B 164 -46.74 -42.42 8.44
N GLU B 165 -46.77 -41.97 7.19
CA GLU B 165 -46.41 -42.81 6.05
C GLU B 165 -44.98 -43.36 6.16
N ALA B 166 -44.05 -42.51 6.61
CA ALA B 166 -42.64 -42.88 6.66
C ALA B 166 -42.34 -43.89 7.77
N MET B 167 -42.87 -43.65 8.96
CA MET B 167 -42.62 -44.55 10.08
C MET B 167 -43.25 -45.93 9.83
N GLN B 168 -44.34 -45.96 9.07
CA GLN B 168 -44.96 -47.21 8.67
C GLN B 168 -44.00 -48.03 7.81
N ASN B 169 -43.43 -47.38 6.80
CA ASN B 169 -42.46 -48.01 5.91
C ASN B 169 -41.09 -48.19 6.57
N ARG B 170 -41.04 -47.91 7.87
CA ARG B 170 -39.84 -48.01 8.70
C ARG B 170 -38.77 -47.01 8.27
N GLN C 1 -21.98 -2.88 -20.04
CA GLN C 1 -21.86 -1.66 -19.26
C GLN C 1 -22.77 -1.68 -18.03
N VAL C 2 -22.14 -1.70 -16.85
CA VAL C 2 -22.89 -1.77 -15.60
C VAL C 2 -23.50 -0.42 -15.26
N GLN C 3 -24.81 -0.43 -15.01
CA GLN C 3 -25.51 0.78 -14.64
C GLN C 3 -26.65 0.48 -13.67
N LEU C 4 -26.80 1.36 -12.68
CA LEU C 4 -27.88 1.23 -11.72
C LEU C 4 -28.87 2.37 -11.92
N VAL C 5 -30.09 2.02 -12.32
CA VAL C 5 -31.12 3.02 -12.57
C VAL C 5 -32.26 2.88 -11.57
N GLN C 6 -32.44 3.92 -10.75
CA GLN C 6 -33.45 3.90 -9.70
C GLN C 6 -34.77 4.50 -10.18
N SER C 7 -35.82 4.30 -9.38
CA SER C 7 -37.14 4.84 -9.71
C SER C 7 -37.18 6.35 -9.54
N GLY C 8 -38.31 6.96 -9.88
CA GLY C 8 -38.47 8.39 -9.79
C GLY C 8 -38.60 8.90 -8.37
N ALA C 9 -38.49 10.22 -8.21
CA ALA C 9 -38.64 10.85 -6.90
C ALA C 9 -40.01 10.59 -6.32
N GLU C 10 -40.14 10.72 -5.00
CA GLU C 10 -41.39 10.40 -4.33
C GLU C 10 -41.73 11.39 -3.20
N VAL C 11 -43.02 11.58 -2.98
CA VAL C 11 -43.52 12.41 -1.89
C VAL C 11 -44.51 11.60 -1.04
N LYS C 12 -44.24 11.48 0.26
CA LYS C 12 -45.09 10.69 1.13
C LYS C 12 -45.52 11.47 2.38
N LYS C 13 -46.67 11.11 2.93
CA LYS C 13 -47.12 11.66 4.21
C LYS C 13 -46.40 10.93 5.34
N PRO C 14 -46.21 11.62 6.48
CA PRO C 14 -45.60 10.97 7.64
C PRO C 14 -46.39 9.74 8.10
N GLY C 15 -45.68 8.66 8.43
CA GLY C 15 -46.32 7.44 8.89
C GLY C 15 -46.65 6.48 7.77
N ALA C 16 -46.32 6.86 6.53
CA ALA C 16 -46.63 6.04 5.37
C ALA C 16 -45.50 5.06 5.05
N SER C 17 -45.56 4.49 3.85
CA SER C 17 -44.58 3.50 3.42
C SER C 17 -44.12 3.78 1.99
N VAL C 18 -42.80 3.90 1.82
CA VAL C 18 -42.22 4.20 0.51
C VAL C 18 -41.51 2.97 -0.07
N LYS C 19 -41.31 2.96 -1.39
CA LYS C 19 -40.68 1.82 -2.07
C LYS C 19 -39.84 2.27 -3.26
N VAL C 20 -38.52 2.30 -3.09
CA VAL C 20 -37.60 2.69 -4.15
C VAL C 20 -37.04 1.47 -4.88
N SER C 21 -36.97 1.54 -6.21
CA SER C 21 -36.45 0.42 -7.00
C SER C 21 -35.05 0.70 -7.49
N CYS C 22 -34.38 -0.35 -7.97
CA CYS C 22 -33.03 -0.23 -8.51
C CYS C 22 -32.82 -1.27 -9.61
N LYS C 23 -32.91 -0.85 -10.86
CA LYS C 23 -32.80 -1.76 -11.98
C LYS C 23 -31.34 -2.06 -12.33
N THR C 24 -31.04 -3.33 -12.55
CA THR C 24 -29.67 -3.76 -12.80
C THR C 24 -29.41 -4.16 -14.25
N SER C 25 -28.33 -3.63 -14.81
CA SER C 25 -27.87 -4.01 -16.15
C SER C 25 -26.34 -4.04 -16.16
N GLY C 26 -25.76 -4.81 -17.10
CA GLY C 26 -24.31 -4.88 -17.21
C GLY C 26 -23.70 -6.15 -16.65
N TYR C 27 -23.80 -6.33 -15.33
CA TYR C 27 -23.23 -7.52 -14.70
C TYR C 27 -24.24 -8.67 -14.64
N SER C 28 -23.98 -9.63 -13.79
CA SER C 28 -24.89 -10.72 -13.59
C SER C 28 -25.43 -10.44 -12.23
N PHE C 29 -26.55 -11.05 -11.91
CA PHE C 29 -27.21 -10.72 -10.68
C PHE C 29 -26.91 -11.83 -9.72
N SER C 30 -26.91 -11.53 -8.45
CA SER C 30 -26.58 -12.59 -7.48
C SER C 30 -25.09 -12.92 -7.51
N THR C 31 -24.29 -11.98 -7.99
CA THR C 31 -22.85 -12.14 -8.02
C THR C 31 -22.25 -11.08 -7.13
N TYR C 32 -23.11 -10.19 -6.65
CA TYR C 32 -22.68 -9.07 -5.83
C TYR C 32 -23.65 -8.76 -4.69
N GLY C 33 -24.85 -8.31 -5.04
CA GLY C 33 -25.78 -7.84 -4.04
C GLY C 33 -25.63 -6.34 -3.91
N VAL C 34 -26.45 -5.71 -3.09
CA VAL C 34 -26.57 -4.25 -3.12
C VAL C 34 -26.46 -3.61 -1.73
N SER C 35 -25.71 -2.51 -1.66
CA SER C 35 -25.71 -1.65 -0.48
C SER C 35 -26.60 -0.44 -0.73
N TRP C 36 -27.27 0.02 0.32
CA TRP C 36 -28.11 1.22 0.22
C TRP C 36 -27.59 2.32 1.12
N VAL C 37 -27.40 3.51 0.56
CA VAL C 37 -26.97 4.67 1.32
C VAL C 37 -27.98 5.80 1.15
N ARG C 38 -28.25 6.53 2.23
CA ARG C 38 -29.18 7.65 2.15
C ARG C 38 -28.51 8.95 2.58
N GLN C 39 -28.91 10.06 1.95
CA GLN C 39 -28.29 11.35 2.23
C GLN C 39 -29.33 12.44 2.46
N ALA C 40 -29.41 12.91 3.71
CA ALA C 40 -30.29 14.01 4.05
C ALA C 40 -29.77 15.30 3.40
N PRO C 41 -30.70 16.17 2.97
CA PRO C 41 -30.34 17.44 2.33
C PRO C 41 -29.35 18.27 3.14
N GLY C 42 -28.23 18.61 2.53
CA GLY C 42 -27.21 19.42 3.19
C GLY C 42 -26.37 18.62 4.18
N GLN C 43 -26.62 17.32 4.25
CA GLN C 43 -25.88 16.45 5.16
C GLN C 43 -25.05 15.43 4.38
N GLY C 44 -24.25 14.65 5.11
CA GLY C 44 -23.40 13.65 4.50
C GLY C 44 -24.13 12.36 4.21
N PRO C 45 -23.40 11.33 3.78
CA PRO C 45 -23.99 10.03 3.48
C PRO C 45 -23.98 9.10 4.69
N GLU C 46 -25.01 8.27 4.80
CA GLU C 46 -25.12 7.30 5.89
C GLU C 46 -25.63 5.97 5.35
N TRP C 47 -24.96 4.89 5.75
CA TRP C 47 -25.31 3.57 5.26
C TRP C 47 -26.62 3.07 5.88
N VAL C 48 -27.46 2.46 5.05
CA VAL C 48 -28.77 1.98 5.49
C VAL C 48 -28.78 0.48 5.71
N GLY C 49 -28.43 -0.28 4.66
CA GLY C 49 -28.45 -1.73 4.72
C GLY C 49 -27.89 -2.41 3.49
N TRP C 50 -27.65 -3.71 3.60
CA TRP C 50 -27.11 -4.49 2.50
C TRP C 50 -27.88 -5.80 2.35
N ILE C 51 -28.09 -6.21 1.11
CA ILE C 51 -28.75 -7.49 0.85
C ILE C 51 -27.99 -8.26 -0.22
N SER C 52 -27.83 -9.56 0.00
CA SER C 52 -27.24 -10.43 -1.01
C SER C 52 -28.30 -10.89 -1.99
N ALA C 53 -28.02 -10.78 -3.27
CA ALA C 53 -28.92 -11.27 -4.29
C ALA C 53 -28.65 -12.76 -4.52
N TYR C 54 -27.58 -13.25 -3.91
CA TYR C 54 -27.19 -14.65 -4.06
C TYR C 54 -27.80 -15.51 -2.95
N THR C 55 -27.73 -15.03 -1.71
CA THR C 55 -28.23 -15.80 -0.57
C THR C 55 -29.54 -15.24 -0.04
N GLY C 56 -29.71 -13.92 -0.14
CA GLY C 56 -30.90 -13.27 0.37
C GLY C 56 -30.66 -12.71 1.76
N ILE C 57 -29.49 -12.98 2.31
CA ILE C 57 -29.13 -12.51 3.65
C ILE C 57 -29.04 -10.98 3.67
N THR C 58 -29.72 -10.38 4.66
CA THR C 58 -29.73 -8.93 4.79
C THR C 58 -29.03 -8.49 6.07
N ASP C 59 -28.44 -7.32 6.04
CA ASP C 59 -27.83 -6.72 7.22
C ASP C 59 -28.17 -5.25 7.31
N TYR C 60 -28.94 -4.88 8.34
CA TYR C 60 -29.37 -3.49 8.51
C TYR C 60 -28.59 -2.80 9.62
N ALA C 61 -28.61 -1.47 9.61
CA ALA C 61 -28.11 -0.68 10.73
C ALA C 61 -29.19 -0.62 11.80
N GLN C 62 -28.78 -0.42 13.06
CA GLN C 62 -29.71 -0.45 14.18
C GLN C 62 -30.86 0.54 14.06
N LYS C 63 -30.60 1.69 13.44
CA LYS C 63 -31.60 2.73 13.31
C LYS C 63 -32.82 2.29 12.52
N PHE C 64 -32.61 1.41 11.54
CA PHE C 64 -33.67 1.04 10.62
C PHE C 64 -34.21 -0.37 10.86
N GLN C 65 -33.56 -1.12 11.76
CA GLN C 65 -34.01 -2.47 12.10
C GLN C 65 -35.47 -2.47 12.56
N GLY C 66 -36.33 -3.09 11.76
CA GLY C 66 -37.73 -3.22 12.14
C GLY C 66 -38.71 -2.46 11.27
N ARG C 67 -38.20 -1.53 10.46
CA ARG C 67 -39.07 -0.78 9.55
C ARG C 67 -38.48 -0.66 8.16
N VAL C 68 -37.34 -1.32 7.95
CA VAL C 68 -36.75 -1.40 6.61
C VAL C 68 -36.75 -2.86 6.15
N THR C 69 -37.08 -3.08 4.89
CA THR C 69 -37.02 -4.41 4.31
C THR C 69 -36.44 -4.36 2.89
N LEU C 70 -35.31 -5.03 2.71
CA LEU C 70 -34.67 -5.09 1.40
C LEU C 70 -35.00 -6.41 0.72
N THR C 71 -35.31 -6.33 -0.57
CA THR C 71 -35.61 -7.52 -1.36
C THR C 71 -34.95 -7.42 -2.73
N THR C 72 -35.04 -8.49 -3.50
CA THR C 72 -34.38 -8.52 -4.80
C THR C 72 -35.20 -9.23 -5.89
N ASP C 73 -34.85 -8.89 -7.13
CA ASP C 73 -35.59 -9.26 -8.33
C ASP C 73 -36.57 -10.42 -8.18
N ALA C 74 -37.77 -10.24 -8.73
CA ALA C 74 -38.72 -11.33 -8.87
C ALA C 74 -38.06 -12.32 -9.81
N THR C 75 -37.40 -11.80 -10.85
CA THR C 75 -36.53 -12.60 -11.70
C THR C 75 -35.80 -11.67 -12.65
N THR C 76 -36.15 -10.39 -12.59
CA THR C 76 -35.67 -9.40 -13.54
C THR C 76 -34.45 -8.62 -13.06
N ALA C 77 -33.74 -9.16 -12.07
CA ALA C 77 -32.51 -8.55 -11.56
C ALA C 77 -32.71 -7.10 -11.15
N THR C 78 -33.54 -6.87 -10.13
CA THR C 78 -33.76 -5.54 -9.60
C THR C 78 -33.96 -5.59 -8.09
N ALA C 79 -33.39 -4.62 -7.38
CA ALA C 79 -33.44 -4.60 -5.92
C ALA C 79 -34.39 -3.53 -5.40
N PHE C 80 -35.04 -3.80 -4.27
CA PHE C 80 -36.00 -2.86 -3.70
C PHE C 80 -35.64 -2.45 -2.28
N LEU C 81 -36.02 -1.23 -1.92
CA LEU C 81 -35.82 -0.68 -0.57
C LEU C 81 -37.17 -0.22 -0.02
N ASP C 82 -37.66 -0.93 0.99
CA ASP C 82 -38.98 -0.65 1.59
C ASP C 82 -38.85 -0.04 2.99
N LEU C 83 -39.20 1.23 3.09
CA LEU C 83 -39.21 1.90 4.38
C LEU C 83 -40.65 2.22 4.78
N ARG C 84 -40.95 2.16 6.07
CA ARG C 84 -42.30 2.46 6.55
C ARG C 84 -42.25 3.22 7.87
N SER C 85 -43.40 3.70 8.31
CA SER C 85 -43.51 4.59 9.47
C SER C 85 -42.59 5.79 9.28
N LEU C 86 -42.65 6.36 8.08
CA LEU C 86 -41.76 7.44 7.66
C LEU C 86 -41.84 8.67 8.54
N ARG C 87 -40.75 8.94 9.26
CA ARG C 87 -40.60 10.16 10.03
C ARG C 87 -40.28 11.34 9.11
N PRO C 88 -40.34 12.57 9.62
CA PRO C 88 -39.82 13.66 8.78
C PRO C 88 -38.30 13.58 8.63
N ASP C 89 -37.63 12.83 9.51
CA ASP C 89 -36.20 12.66 9.42
C ASP C 89 -35.80 11.81 8.21
N ASP C 90 -36.71 10.97 7.75
CA ASP C 90 -36.44 10.06 6.65
C ASP C 90 -36.38 10.78 5.31
N THR C 91 -36.56 12.09 5.33
CA THR C 91 -36.39 12.92 4.16
C THR C 91 -34.93 12.92 3.73
N ALA C 92 -34.63 12.24 2.62
CA ALA C 92 -33.26 12.11 2.15
C ALA C 92 -33.19 11.62 0.71
N THR C 93 -31.99 11.58 0.17
CA THR C 93 -31.75 11.00 -1.15
C THR C 93 -31.25 9.57 -1.00
N TYR C 94 -31.99 8.63 -1.56
CA TYR C 94 -31.70 7.20 -1.36
C TYR C 94 -30.94 6.59 -2.53
N PHE C 95 -29.67 6.27 -2.31
CA PHE C 95 -28.82 5.68 -3.33
C PHE C 95 -28.67 4.17 -3.15
N CYS C 96 -28.72 3.44 -4.26
CA CYS C 96 -28.37 2.02 -4.24
C CYS C 96 -27.01 1.86 -4.92
N ALA C 97 -26.20 0.96 -4.38
CA ALA C 97 -24.88 0.73 -4.95
C ALA C 97 -24.56 -0.76 -5.00
N ARG C 98 -24.05 -1.22 -6.14
CA ARG C 98 -23.65 -2.61 -6.29
C ARG C 98 -22.47 -2.88 -5.37
N ASP C 99 -22.53 -3.99 -4.62
CA ASP C 99 -21.60 -4.15 -3.51
C ASP C 99 -21.27 -5.60 -3.14
N LYS C 100 -19.98 -5.93 -3.15
CA LYS C 100 -19.40 -7.15 -2.56
C LYS C 100 -19.63 -8.45 -3.34
N VAL C 101 -18.55 -9.03 -3.87
CA VAL C 101 -18.60 -10.29 -4.61
C VAL C 101 -19.29 -11.38 -3.78
N GLN C 102 -20.07 -12.23 -4.46
CA GLN C 102 -20.85 -13.24 -3.75
C GLN C 102 -20.36 -14.69 -3.96
N GLY C 103 -20.87 -15.36 -4.99
CA GLY C 103 -20.61 -16.78 -5.17
C GLY C 103 -19.21 -17.15 -5.62
N ARG C 104 -18.22 -16.43 -5.09
CA ARG C 104 -16.84 -16.55 -5.56
C ARG C 104 -15.90 -15.91 -4.55
N VAL C 105 -14.70 -16.49 -4.40
CA VAL C 105 -13.67 -15.91 -3.53
C VAL C 105 -12.80 -14.94 -4.33
N GLU C 106 -12.67 -13.72 -3.83
CA GLU C 106 -11.86 -12.71 -4.50
C GLU C 106 -11.19 -11.76 -3.51
N VAL C 107 -9.91 -11.48 -3.72
CA VAL C 107 -9.15 -10.60 -2.85
C VAL C 107 -9.45 -9.13 -3.17
N GLY C 108 -9.46 -8.29 -2.15
CA GLY C 108 -9.57 -6.86 -2.35
C GLY C 108 -11.00 -6.33 -2.29
N SER C 109 -11.13 -5.02 -2.52
CA SER C 109 -12.42 -4.36 -2.42
C SER C 109 -12.81 -3.68 -3.72
N GLY C 110 -12.54 -4.35 -4.84
CA GLY C 110 -12.86 -3.81 -6.15
C GLY C 110 -14.35 -3.78 -6.41
N GLY C 111 -15.07 -4.72 -5.83
CA GLY C 111 -16.51 -4.81 -6.01
C GLY C 111 -17.28 -4.25 -4.83
N ARG C 112 -16.68 -3.26 -4.16
CA ARG C 112 -17.32 -2.64 -3.00
C ARG C 112 -17.82 -1.24 -3.32
N HIS C 113 -19.14 -1.08 -3.41
CA HIS C 113 -19.77 0.19 -3.79
C HIS C 113 -19.14 0.76 -5.07
N ASP C 114 -18.96 -0.09 -6.07
CA ASP C 114 -18.23 0.28 -7.29
C ASP C 114 -19.08 1.06 -8.30
N TYR C 115 -20.39 0.82 -8.28
CA TYR C 115 -21.31 1.53 -9.16
C TYR C 115 -22.58 1.94 -8.42
N TRP C 116 -22.95 3.21 -8.56
CA TRP C 116 -24.10 3.76 -7.85
C TRP C 116 -25.26 4.10 -8.80
N GLY C 117 -26.44 4.32 -8.21
CA GLY C 117 -27.59 4.79 -8.97
C GLY C 117 -27.62 6.31 -8.97
N GLN C 118 -28.48 6.89 -9.79
CA GLN C 118 -28.54 8.35 -9.91
C GLN C 118 -29.13 8.97 -8.64
N GLY C 119 -29.89 8.18 -7.90
CA GLY C 119 -30.50 8.63 -6.67
C GLY C 119 -32.02 8.68 -6.73
N THR C 120 -32.64 8.87 -5.58
CA THR C 120 -34.09 8.97 -5.48
C THR C 120 -34.48 9.79 -4.27
N LEU C 121 -34.97 11.00 -4.50
CA LEU C 121 -35.38 11.88 -3.40
C LEU C 121 -36.69 11.39 -2.80
N VAL C 122 -36.71 11.27 -1.48
CA VAL C 122 -37.94 10.91 -0.77
C VAL C 122 -38.31 12.02 0.21
N ILE C 123 -39.34 12.79 -0.15
CA ILE C 123 -39.79 13.87 0.72
C ILE C 123 -40.95 13.39 1.59
N VAL C 124 -40.73 13.35 2.90
CA VAL C 124 -41.77 12.94 3.85
C VAL C 124 -42.35 14.15 4.57
N SER C 125 -43.48 14.63 4.08
CA SER C 125 -44.18 15.75 4.69
C SER C 125 -45.68 15.68 4.41
N SER C 126 -46.45 16.42 5.20
CA SER C 126 -47.90 16.37 5.10
C SER C 126 -48.47 17.44 4.16
N ALA C 127 -47.82 18.60 4.11
CA ALA C 127 -48.29 19.74 3.32
C ALA C 127 -48.50 19.40 1.85
N GLU D 1 -19.51 1.45 17.42
CA GLU D 1 -19.19 1.42 16.01
C GLU D 1 -17.87 2.11 15.71
N VAL D 2 -17.46 2.10 14.45
CA VAL D 2 -16.24 2.78 14.03
C VAL D 2 -16.53 4.20 13.56
N VAL D 3 -15.91 5.19 14.22
CA VAL D 3 -16.13 6.58 13.86
C VAL D 3 -15.04 7.09 12.93
N LEU D 4 -15.42 7.51 11.73
CA LEU D 4 -14.49 8.16 10.81
C LEU D 4 -14.65 9.66 10.93
N THR D 5 -13.58 10.33 11.37
CA THR D 5 -13.61 11.78 11.48
C THR D 5 -12.61 12.39 10.49
N GLN D 6 -13.11 13.22 9.59
CA GLN D 6 -12.26 13.80 8.56
C GLN D 6 -11.78 15.20 8.95
N SER D 7 -10.65 15.58 8.37
CA SER D 7 -10.10 16.91 8.57
C SER D 7 -9.32 17.32 7.31
N PRO D 8 -9.38 18.62 6.97
CA PRO D 8 -10.17 19.63 7.67
C PRO D 8 -11.61 19.62 7.19
N GLY D 9 -12.45 20.45 7.79
CA GLY D 9 -13.81 20.60 7.32
C GLY D 9 -13.80 21.18 5.92
N THR D 10 -13.01 22.21 5.72
CA THR D 10 -12.94 22.90 4.43
C THR D 10 -11.49 23.21 4.03
N LEU D 11 -11.15 22.85 2.80
CA LEU D 11 -9.81 23.10 2.27
C LEU D 11 -9.89 23.96 1.01
N ALA D 12 -9.25 25.13 1.05
CA ALA D 12 -9.27 26.07 -0.07
C ALA D 12 -7.86 26.27 -0.64
N LEU D 13 -7.66 25.82 -1.88
CA LEU D 13 -6.34 25.87 -2.51
C LEU D 13 -6.43 26.21 -4.00
N PRO D 14 -5.48 27.03 -4.48
CA PRO D 14 -5.37 27.43 -5.89
C PRO D 14 -5.14 26.23 -6.82
N PRO D 15 -5.54 26.36 -8.11
CA PRO D 15 -5.47 25.22 -9.02
C PRO D 15 -4.04 24.84 -9.40
N GLY D 16 -3.71 23.56 -9.25
CA GLY D 16 -2.37 23.09 -9.57
C GLY D 16 -1.52 22.88 -8.34
N GLU D 17 -2.10 23.17 -7.18
CA GLU D 17 -1.41 22.91 -5.92
C GLU D 17 -1.84 21.57 -5.34
N ARG D 18 -1.14 21.15 -4.29
CA ARG D 18 -1.33 19.82 -3.72
C ARG D 18 -2.24 19.82 -2.50
N ALA D 19 -3.31 19.05 -2.57
CA ALA D 19 -4.29 18.96 -1.49
C ALA D 19 -4.16 17.64 -0.73
N THR D 20 -4.19 17.72 0.60
CA THR D 20 -4.06 16.54 1.45
C THR D 20 -5.25 16.41 2.41
N LEU D 21 -6.01 15.34 2.26
CA LEU D 21 -7.23 15.15 3.03
C LEU D 21 -7.10 13.98 4.00
N SER D 22 -7.41 14.23 5.27
CA SER D 22 -7.24 13.21 6.31
C SER D 22 -8.55 12.54 6.71
N CYS D 23 -8.46 11.25 7.02
CA CYS D 23 -9.55 10.49 7.59
C CYS D 23 -9.01 9.63 8.73
N ARG D 24 -9.45 9.92 9.95
CA ARG D 24 -8.91 9.25 11.12
C ARG D 24 -9.96 8.38 11.81
N ALA D 25 -9.69 7.09 11.89
CA ALA D 25 -10.64 6.14 12.49
C ALA D 25 -10.46 6.03 14.00
N SER D 26 -11.52 5.65 14.68
CA SER D 26 -11.48 5.43 16.12
C SER D 26 -10.84 4.08 16.43
N HIS D 27 -11.08 3.12 15.55
CA HIS D 27 -10.54 1.78 15.71
C HIS D 27 -9.69 1.39 14.51
N ARG D 28 -8.76 0.46 14.73
CA ARG D 28 -7.87 -0.01 13.68
C ARG D 28 -8.65 -0.76 12.60
N VAL D 29 -8.67 -0.19 11.40
CA VAL D 29 -9.31 -0.82 10.25
C VAL D 29 -8.27 -1.31 9.27
N GLY D 30 -8.47 -2.50 8.72
CA GLY D 30 -7.59 -3.03 7.69
C GLY D 30 -7.71 -2.20 6.44
N SER D 31 -6.57 -1.97 5.77
CA SER D 31 -6.50 -1.07 4.62
C SER D 31 -7.47 -1.43 3.50
N THR D 32 -7.80 -2.72 3.38
CA THR D 32 -8.69 -3.18 2.33
C THR D 32 -10.12 -2.65 2.45
N TYR D 33 -10.55 -2.38 3.67
CA TYR D 33 -11.94 -2.02 3.90
C TYR D 33 -12.18 -0.51 3.94
N ILE D 34 -11.35 0.25 3.23
CA ILE D 34 -11.50 1.70 3.22
C ILE D 34 -11.58 2.28 1.81
N ALA D 35 -12.54 3.18 1.62
CA ALA D 35 -12.78 3.79 0.33
C ALA D 35 -12.90 5.31 0.44
N TRP D 36 -12.56 6.01 -0.64
CA TRP D 36 -12.76 7.44 -0.71
C TRP D 36 -13.75 7.76 -1.82
N TYR D 37 -14.57 8.78 -1.60
CA TYR D 37 -15.56 9.17 -2.60
C TYR D 37 -15.52 10.66 -2.89
N GLN D 38 -15.87 11.03 -4.12
CA GLN D 38 -16.05 12.42 -4.47
C GLN D 38 -17.54 12.65 -4.71
N GLN D 39 -18.04 13.79 -4.26
CA GLN D 39 -19.42 14.14 -4.57
C GLN D 39 -19.56 15.63 -4.87
N LYS D 40 -20.22 15.92 -5.99
CA LYS D 40 -20.56 17.28 -6.34
C LYS D 40 -22.04 17.52 -6.05
N SER D 41 -22.40 18.79 -5.92
CA SER D 41 -23.77 19.17 -5.58
C SER D 41 -24.80 18.62 -6.56
N GLY D 42 -25.57 17.63 -6.10
CA GLY D 42 -26.70 17.13 -6.86
C GLY D 42 -26.56 15.73 -7.41
N GLN D 43 -25.34 15.27 -7.62
CA GLN D 43 -25.10 13.99 -8.26
C GLN D 43 -24.75 12.90 -7.26
N ALA D 44 -24.64 11.67 -7.75
CA ALA D 44 -24.26 10.53 -6.93
C ALA D 44 -22.75 10.53 -6.67
N PRO D 45 -22.33 10.03 -5.50
CA PRO D 45 -20.90 9.98 -5.17
C PRO D 45 -20.13 8.98 -6.03
N ARG D 46 -19.09 9.44 -6.70
CA ARG D 46 -18.28 8.50 -7.47
C ARG D 46 -17.09 8.02 -6.63
N ARG D 47 -16.84 6.72 -6.73
CA ARG D 47 -15.77 6.10 -5.97
C ARG D 47 -14.40 6.43 -6.56
N LEU D 48 -13.52 6.99 -5.74
CA LEU D 48 -12.18 7.34 -6.17
C LEU D 48 -11.16 6.26 -5.83
N ILE D 49 -11.09 5.91 -4.55
CA ILE D 49 -10.14 4.92 -4.06
C ILE D 49 -10.88 3.78 -3.37
N TYR D 50 -10.37 2.56 -3.52
CA TYR D 50 -10.85 1.43 -2.73
C TYR D 50 -9.66 0.69 -2.15
N GLY D 51 -9.83 0.10 -0.98
CA GLY D 51 -8.73 -0.59 -0.32
C GLY D 51 -7.61 0.29 0.19
N ALA D 52 -7.95 1.54 0.45
CA ALA D 52 -7.00 2.56 0.94
C ALA D 52 -5.95 3.12 -0.02
N SER D 53 -5.62 2.40 -1.08
CA SER D 53 -4.61 2.92 -2.01
C SER D 53 -4.83 2.55 -3.49
N ASN D 54 -5.83 1.73 -3.77
CA ASN D 54 -6.09 1.33 -5.16
C ASN D 54 -7.00 2.32 -5.88
N ARG D 55 -6.55 2.82 -7.02
CA ARG D 55 -7.37 3.72 -7.83
C ARG D 55 -8.48 2.96 -8.55
N ALA D 56 -9.67 3.54 -8.57
CA ALA D 56 -10.79 2.94 -9.29
C ALA D 56 -10.68 3.21 -10.80
N THR D 57 -11.43 2.46 -11.59
CA THR D 57 -11.37 2.55 -13.04
C THR D 57 -11.64 3.96 -13.56
N ASP D 58 -10.76 4.43 -14.45
CA ASP D 58 -10.89 5.72 -15.13
C ASP D 58 -10.72 6.91 -14.18
N ILE D 59 -10.17 6.65 -13.00
CA ILE D 59 -9.84 7.72 -12.07
C ILE D 59 -8.43 8.23 -12.37
N PRO D 60 -8.30 9.55 -12.56
CA PRO D 60 -7.01 10.21 -12.81
C PRO D 60 -5.96 9.85 -11.77
N ASP D 61 -4.69 9.76 -12.16
CA ASP D 61 -3.64 9.35 -11.24
C ASP D 61 -3.16 10.48 -10.33
N ARG D 62 -3.94 11.55 -10.22
CA ARG D 62 -3.63 12.63 -9.29
C ARG D 62 -4.38 12.41 -7.98
N PHE D 63 -5.27 11.43 -7.97
CA PHE D 63 -5.91 10.97 -6.76
C PHE D 63 -5.20 9.73 -6.24
N SER D 64 -4.44 9.87 -5.17
CA SER D 64 -3.76 8.73 -4.57
C SER D 64 -4.02 8.65 -3.07
N GLY D 65 -4.48 7.49 -2.61
CA GLY D 65 -4.73 7.27 -1.20
C GLY D 65 -3.60 6.49 -0.54
N SER D 66 -3.36 6.77 0.73
CA SER D 66 -2.32 6.07 1.48
C SER D 66 -2.70 5.93 2.95
N GLY D 67 -1.80 5.34 3.74
CA GLY D 67 -2.01 5.22 5.17
C GLY D 67 -2.42 3.84 5.62
N SER D 68 -2.39 3.63 6.93
CA SER D 68 -2.79 2.35 7.51
C SER D 68 -3.15 2.52 8.98
N GLY D 69 -3.82 1.52 9.54
CA GLY D 69 -4.22 1.55 10.94
C GLY D 69 -5.42 2.42 11.21
N THR D 70 -5.18 3.64 11.69
CA THR D 70 -6.23 4.57 12.05
C THR D 70 -6.11 5.88 11.28
N ASP D 71 -5.03 6.01 10.51
CA ASP D 71 -4.79 7.25 9.77
C ASP D 71 -4.72 7.01 8.27
N PHE D 72 -5.67 7.58 7.54
CA PHE D 72 -5.74 7.39 6.11
C PHE D 72 -5.81 8.73 5.38
N THR D 73 -5.20 8.79 4.19
CA THR D 73 -5.01 10.05 3.50
C THR D 73 -5.36 9.97 2.02
N LEU D 74 -6.18 10.92 1.56
CA LEU D 74 -6.44 11.10 0.14
C LEU D 74 -5.69 12.34 -0.35
N THR D 75 -4.77 12.14 -1.29
CA THR D 75 -3.95 13.23 -1.81
C THR D 75 -4.35 13.61 -3.24
N ILE D 76 -4.66 14.89 -3.44
CA ILE D 76 -4.84 15.42 -4.78
C ILE D 76 -3.56 16.14 -5.18
N ARG D 77 -2.72 15.46 -5.95
CA ARG D 77 -1.37 15.92 -6.26
C ARG D 77 -1.35 17.29 -6.92
N ARG D 78 -2.20 17.49 -7.92
CA ARG D 78 -2.35 18.79 -8.55
C ARG D 78 -3.82 19.06 -8.85
N LEU D 79 -4.40 20.01 -8.12
CA LEU D 79 -5.82 20.32 -8.24
C LEU D 79 -6.21 20.85 -9.61
N GLU D 80 -7.36 20.39 -10.10
CA GLU D 80 -7.97 20.93 -11.30
C GLU D 80 -9.28 21.59 -10.90
N PRO D 81 -9.82 22.48 -11.76
CA PRO D 81 -11.12 23.13 -11.48
C PRO D 81 -12.24 22.16 -11.13
N GLU D 82 -12.32 21.03 -11.84
CA GLU D 82 -13.41 20.08 -11.62
C GLU D 82 -13.21 19.23 -10.37
N ASP D 83 -12.17 19.52 -9.60
CA ASP D 83 -11.91 18.80 -8.36
C ASP D 83 -12.61 19.47 -7.18
N SER D 84 -13.22 20.62 -7.44
CA SER D 84 -13.97 21.32 -6.42
C SER D 84 -15.23 20.55 -6.07
N ALA D 85 -15.23 19.92 -4.89
CA ALA D 85 -16.35 19.09 -4.46
C ALA D 85 -16.26 18.76 -2.98
N VAL D 86 -17.02 17.75 -2.57
CA VAL D 86 -16.94 17.22 -1.22
C VAL D 86 -16.39 15.80 -1.27
N TYR D 87 -15.52 15.47 -0.32
CA TYR D 87 -14.87 14.17 -0.32
C TYR D 87 -15.14 13.38 0.98
N TYR D 88 -15.68 12.18 0.82
CA TYR D 88 -16.01 11.34 1.97
C TYR D 88 -15.16 10.07 2.01
N CYS D 89 -14.72 9.70 3.21
CA CYS D 89 -14.07 8.41 3.42
C CYS D 89 -15.09 7.42 3.98
N GLN D 90 -14.91 6.14 3.67
CA GLN D 90 -15.85 5.12 4.15
C GLN D 90 -15.12 3.89 4.67
N GLN D 91 -15.70 3.28 5.70
CA GLN D 91 -15.21 2.01 6.24
C GLN D 91 -16.31 0.96 6.11
N PHE D 92 -15.95 -0.22 5.63
CA PHE D 92 -16.89 -1.33 5.62
C PHE D 92 -16.23 -2.62 6.09
N SER D 93 -15.38 -2.51 7.11
CA SER D 93 -14.77 -3.68 7.73
C SER D 93 -15.77 -4.39 8.62
N VAL D 94 -16.34 -3.63 9.56
CA VAL D 94 -17.38 -4.14 10.45
C VAL D 94 -18.62 -3.27 10.34
N SER D 95 -19.79 -3.90 10.36
CA SER D 95 -21.04 -3.15 10.30
C SER D 95 -21.37 -2.56 11.68
N PRO D 96 -22.00 -1.37 11.72
CA PRO D 96 -22.46 -0.56 10.58
C PRO D 96 -21.33 0.07 9.78
N TRP D 97 -21.45 0.03 8.46
CA TRP D 97 -20.49 0.67 7.57
C TRP D 97 -20.65 2.17 7.67
N THR D 98 -19.60 2.85 8.15
CA THR D 98 -19.73 4.26 8.48
C THR D 98 -18.98 5.17 7.52
N PHE D 99 -19.43 6.41 7.44
CA PHE D 99 -18.80 7.43 6.59
C PHE D 99 -18.19 8.53 7.43
N GLY D 100 -17.20 9.22 6.88
CA GLY D 100 -16.68 10.42 7.49
C GLY D 100 -17.63 11.55 7.18
N GLN D 101 -17.56 12.63 7.95
CA GLN D 101 -18.48 13.76 7.76
C GLN D 101 -18.14 14.56 6.49
N GLY D 102 -16.94 14.34 5.95
CA GLY D 102 -16.56 14.95 4.69
C GLY D 102 -15.55 16.08 4.78
N THR D 103 -14.95 16.38 3.63
CA THR D 103 -14.06 17.53 3.48
C THR D 103 -14.37 18.24 2.17
N ARG D 104 -14.64 19.54 2.24
CA ARG D 104 -14.94 20.33 1.05
C ARG D 104 -13.66 20.93 0.48
N VAL D 105 -13.50 20.85 -0.83
CA VAL D 105 -12.33 21.43 -1.49
C VAL D 105 -12.76 22.55 -2.42
N GLU D 106 -12.16 23.71 -2.22
CA GLU D 106 -12.49 24.91 -2.99
C GLU D 106 -11.23 25.49 -3.63
N ILE D 107 -11.39 26.15 -4.77
CA ILE D 107 -10.23 26.72 -5.47
C ILE D 107 -10.09 28.24 -5.22
N LYS D 108 -9.42 28.96 -6.14
CA LYS D 108 -8.98 30.33 -5.88
C LYS D 108 -8.78 31.30 -7.06
N ARG D 109 -8.64 32.58 -6.74
CA ARG D 109 -8.27 33.67 -7.65
C ARG D 109 -9.36 34.44 -8.42
N THR D 110 -9.50 35.72 -8.10
CA THR D 110 -10.47 36.60 -8.74
C THR D 110 -9.81 37.57 -9.69
#